data_7P71
#
_entry.id   7P71
#
_cell.length_a   192.130
_cell.length_b   61.030
_cell.length_c   98.990
_cell.angle_alpha   90.000
_cell.angle_beta   97.330
_cell.angle_gamma   90.000
#
_symmetry.space_group_name_H-M   'C 1 2 1'
#
loop_
_entity.id
_entity.type
_entity.pdbx_description
1 polymer 'Membrane-associated guanylate kinase, WW and PDZ domain-containing protein 1,Annexin A2'
2 polymer 'Protein E6'
3 non-polymer 'CALCIUM ION'
4 non-polymer GLYCEROL
5 non-polymer 'CITRIC ACID'
6 water water
#
loop_
_entity_poly.entity_id
_entity_poly.type
_entity_poly.pdbx_seq_one_letter_code
_entity_poly.pdbx_strand_id
1 'polypeptide(L)'
;GSMGKPFFTRNPSELKGKFIHTKLRKSSRGFGFTVVGGDEPDEFLQIKSLVLDGPAALDGKMETGDVIVSVNDTCVLGHT
HAQVVKIFQSIPIGASVDLELCRGYPLGSSAYGSVKAYTNFDAERDALNIETAIKTKGVDEVTIVNILTNRSNEQRQDIA
FAYQRRTKKELASALKSALSGHLETVILGLLKTPAQYDASELKASMKGLGTDEDSLIEIICSRTNQELQEINRVYKEMYK
TDLEKDIISDTSGDFRKLMVALAKGRRAEDGSVIDYELIDQDARDLYDAGVKRKGTDVPKWISIMTERSVPHLQKVFDRY
KSYSPYDMLESIRKEVKGDLENAFLNLVQCIQNKPLYFADRLYDSMKGKGTRDKVLIRIMVSRSEVDMLKIRSEFKRKYG
KSLYYYIQQDTKGDYQKALLYLCGGDD
;
A,B
2 'polypeptide(L)' TDDSKPTRRETEV C,D
#
# COMPACT_ATOMS: atom_id res chain seq x y z
N LYS A 5 -20.91 29.86 12.95
CA LYS A 5 -20.91 31.01 12.05
C LYS A 5 -19.52 31.64 12.00
N PRO A 6 -18.70 31.16 11.06
CA PRO A 6 -17.31 31.65 10.97
C PRO A 6 -17.25 33.14 10.66
N PHE A 7 -16.10 33.73 10.97
CA PHE A 7 -15.91 35.15 10.76
C PHE A 7 -15.88 35.47 9.27
N PHE A 8 -16.54 36.56 8.89
CA PHE A 8 -16.55 37.01 7.51
C PHE A 8 -16.81 38.51 7.47
N THR A 9 -16.20 39.17 6.48
CA THR A 9 -16.42 40.58 6.21
C THR A 9 -15.95 40.87 4.81
N ARG A 10 -16.38 42.01 4.27
CA ARG A 10 -15.96 42.45 2.95
C ARG A 10 -15.18 43.77 2.99
N ASN A 11 -14.89 44.27 4.19
CA ASN A 11 -14.04 45.45 4.36
C ASN A 11 -12.68 45.02 4.85
N PRO A 12 -11.61 45.24 4.09
CA PRO A 12 -10.29 44.77 4.54
C PRO A 12 -9.82 45.38 5.84
N SER A 13 -10.32 46.57 6.21
CA SER A 13 -9.93 47.21 7.46
C SER A 13 -10.40 46.44 8.69
N GLU A 14 -11.31 45.49 8.54
CA GLU A 14 -11.85 44.73 9.65
C GLU A 14 -11.24 43.34 9.78
N LEU A 15 -10.11 43.10 9.11
CA LEU A 15 -9.42 41.81 9.23
C LEU A 15 -8.33 41.90 10.28
N LYS A 16 -8.12 40.78 10.98
CA LYS A 16 -7.24 40.75 12.14
C LYS A 16 -5.87 40.13 11.85
N GLY A 17 -5.75 39.28 10.84
CA GLY A 17 -4.50 38.64 10.55
C GLY A 17 -3.45 39.57 9.97
N LYS A 18 -2.42 39.00 9.34
CA LYS A 18 -1.36 39.78 8.71
C LYS A 18 -1.53 39.77 7.20
N PHE A 19 -1.06 40.82 6.55
CA PHE A 19 -1.24 41.01 5.12
C PHE A 19 0.08 40.76 4.39
N ILE A 20 0.03 40.00 3.30
CA ILE A 20 1.18 39.72 2.47
C ILE A 20 0.79 39.99 1.02
N HIS A 21 1.77 40.42 0.23
CA HIS A 21 1.58 40.72 -1.18
C HIS A 21 2.54 39.91 -2.02
N THR A 22 2.01 39.20 -3.02
CA THR A 22 2.82 38.41 -3.94
C THR A 22 2.50 38.82 -5.36
N LYS A 23 3.43 38.50 -6.27
CA LYS A 23 3.31 38.84 -7.69
C LYS A 23 3.71 37.61 -8.48
N LEU A 24 2.73 36.89 -9.00
CA LEU A 24 2.93 35.61 -9.66
C LEU A 24 2.61 35.73 -11.14
N ARG A 25 3.50 35.20 -11.99
CA ARG A 25 3.26 35.12 -13.43
C ARG A 25 2.86 33.70 -13.78
N LYS A 26 1.77 33.57 -14.55
CA LYS A 26 1.19 32.25 -14.79
C LYS A 26 2.09 31.42 -15.71
N SER A 27 2.26 30.15 -15.34
CA SER A 27 3.06 29.22 -16.11
C SER A 27 2.16 28.44 -17.07
N SER A 28 2.65 27.32 -17.60
CA SER A 28 1.85 26.52 -18.53
C SER A 28 0.69 25.84 -17.81
N ARG A 29 0.92 25.39 -16.58
CA ARG A 29 -0.10 24.68 -15.80
C ARG A 29 -0.72 25.57 -14.73
N GLY A 30 -0.92 26.85 -15.03
CA GLY A 30 -1.56 27.75 -14.10
C GLY A 30 -0.61 28.37 -13.10
N PHE A 31 -1.19 28.84 -11.99
CA PHE A 31 -0.43 29.47 -10.92
C PHE A 31 0.05 28.49 -9.86
N GLY A 32 -0.50 27.27 -9.82
CA GLY A 32 0.00 26.25 -8.94
C GLY A 32 -0.58 26.26 -7.54
N PHE A 33 -1.89 26.45 -7.40
CA PHE A 33 -2.54 26.36 -6.10
C PHE A 33 -4.04 26.18 -6.31
N THR A 34 -4.70 25.76 -5.24
CA THR A 34 -6.14 25.48 -5.26
C THR A 34 -6.86 26.50 -4.39
N VAL A 35 -8.01 26.97 -4.89
CA VAL A 35 -8.87 27.91 -4.17
C VAL A 35 -10.09 27.16 -3.67
N VAL A 36 -10.49 27.46 -2.42
CA VAL A 36 -11.70 26.82 -1.82
C VAL A 36 -12.57 27.95 -1.27
N GLY A 37 -13.87 27.74 -1.15
CA GLY A 37 -14.73 28.77 -0.53
C GLY A 37 -15.79 29.27 -1.48
N GLY A 38 -16.44 30.37 -1.13
CA GLY A 38 -17.44 30.99 -2.02
C GLY A 38 -18.65 30.10 -2.23
N ASP A 39 -19.02 29.31 -1.22
CA ASP A 39 -20.26 28.50 -1.36
C ASP A 39 -21.38 29.23 -0.62
N GLU A 40 -21.31 29.25 0.71
CA GLU A 40 -22.37 29.91 1.53
C GLU A 40 -22.26 31.42 1.34
N PRO A 41 -23.35 32.20 1.50
CA PRO A 41 -23.34 33.64 1.24
C PRO A 41 -22.11 34.37 1.80
N ASP A 42 -21.65 33.95 2.97
CA ASP A 42 -20.52 34.67 3.60
C ASP A 42 -19.35 33.70 3.75
N GLU A 43 -18.84 33.15 2.64
CA GLU A 43 -17.65 32.27 2.75
C GLU A 43 -16.39 32.96 2.19
N PHE A 44 -15.31 32.96 2.96
CA PHE A 44 -14.02 33.53 2.50
C PHE A 44 -13.38 32.56 1.51
N LEU A 45 -12.72 33.09 0.49
CA LEU A 45 -12.02 32.29 -0.51
C LEU A 45 -10.60 32.04 0.01
N GLN A 46 -10.30 30.79 0.34
CA GLN A 46 -9.07 30.46 1.03
C GLN A 46 -8.19 29.55 0.18
N ILE A 47 -6.88 29.64 0.40
CA ILE A 47 -5.90 28.83 -0.30
C ILE A 47 -5.98 27.40 0.22
N LYS A 48 -6.60 26.51 -0.58
CA LYS A 48 -6.79 25.13 -0.13
C LYS A 48 -5.46 24.39 -0.06
N SER A 49 -4.65 24.49 -1.11
CA SER A 49 -3.37 23.78 -1.16
C SER A 49 -2.45 24.50 -2.12
N LEU A 50 -1.18 24.08 -2.10
CA LEU A 50 -0.18 24.55 -3.03
C LEU A 50 0.25 23.43 -3.95
N VAL A 51 0.83 23.81 -5.09
CA VAL A 51 1.42 22.86 -6.03
C VAL A 51 2.90 23.14 -6.05
N LEU A 52 3.67 22.30 -5.36
CA LEU A 52 5.12 22.43 -5.39
C LEU A 52 5.62 22.30 -6.82
N ASP A 53 6.77 22.92 -7.09
CA ASP A 53 7.29 23.08 -8.45
C ASP A 53 6.31 23.89 -9.30
N GLY A 54 5.67 24.88 -8.67
CA GLY A 54 4.72 25.74 -9.33
C GLY A 54 4.96 27.19 -8.98
N PRO A 55 4.31 28.10 -9.72
CA PRO A 55 4.59 29.53 -9.52
C PRO A 55 4.32 30.03 -8.11
N ALA A 56 3.17 29.68 -7.53
CA ALA A 56 2.84 30.18 -6.19
C ALA A 56 3.72 29.53 -5.13
N ALA A 57 3.94 28.23 -5.22
CA ALA A 57 4.74 27.54 -4.20
C ALA A 57 6.20 27.96 -4.25
N LEU A 58 6.78 28.05 -5.45
CA LEU A 58 8.18 28.44 -5.56
C LEU A 58 8.41 29.87 -5.10
N ASP A 59 7.39 30.72 -5.13
CA ASP A 59 7.50 32.04 -4.54
C ASP A 59 7.61 31.94 -3.02
N GLY A 60 6.86 31.01 -2.42
CA GLY A 60 6.92 30.75 -0.99
C GLY A 60 6.07 31.65 -0.14
N LYS A 61 5.60 32.79 -0.67
CA LYS A 61 4.79 33.69 0.14
C LYS A 61 3.42 33.10 0.43
N MET A 62 2.85 32.36 -0.51
CA MET A 62 1.52 31.80 -0.33
C MET A 62 1.58 30.52 0.50
N GLU A 63 0.62 30.37 1.41
CA GLU A 63 0.50 29.19 2.25
C GLU A 63 -0.97 28.81 2.35
N THR A 64 -1.22 27.57 2.79
CA THR A 64 -2.58 27.11 2.98
C THR A 64 -3.26 27.93 4.08
N GLY A 65 -4.59 27.96 4.03
CA GLY A 65 -5.37 28.72 4.98
C GLY A 65 -5.39 30.22 4.74
N ASP A 66 -4.54 30.74 3.86
CA ASP A 66 -4.55 32.15 3.53
C ASP A 66 -5.89 32.54 2.91
N VAL A 67 -6.27 33.80 3.09
CA VAL A 67 -7.52 34.34 2.55
C VAL A 67 -7.17 35.39 1.51
N ILE A 68 -7.83 35.31 0.35
CA ILE A 68 -7.58 36.22 -0.75
C ILE A 68 -8.32 37.52 -0.49
N VAL A 69 -7.58 38.62 -0.37
CA VAL A 69 -8.16 39.92 -0.09
C VAL A 69 -8.32 40.77 -1.35
N SER A 70 -7.38 40.65 -2.28
CA SER A 70 -7.41 41.45 -3.50
C SER A 70 -6.67 40.71 -4.61
N VAL A 71 -7.20 40.79 -5.82
CA VAL A 71 -6.61 40.16 -6.99
C VAL A 71 -6.37 41.25 -8.04
N ASN A 72 -5.11 41.56 -8.30
CA ASN A 72 -4.73 42.55 -9.31
C ASN A 72 -5.43 43.88 -9.07
N ASP A 73 -5.34 44.38 -7.83
CA ASP A 73 -5.87 45.68 -7.44
C ASP A 73 -7.40 45.71 -7.53
N THR A 74 -8.04 44.58 -7.26
CA THR A 74 -9.51 44.50 -7.23
C THR A 74 -9.92 43.61 -6.07
N CYS A 75 -10.65 44.17 -5.11
CA CYS A 75 -11.00 43.45 -3.90
C CYS A 75 -11.98 42.32 -4.21
N VAL A 76 -11.70 41.14 -3.66
CA VAL A 76 -12.54 39.96 -3.88
C VAL A 76 -13.18 39.49 -2.58
N LEU A 77 -13.17 40.31 -1.54
CA LEU A 77 -13.80 39.96 -0.27
C LEU A 77 -15.30 39.94 -0.47
N GLY A 78 -15.88 38.74 -0.58
CA GLY A 78 -17.30 38.56 -0.80
C GLY A 78 -17.66 38.08 -2.20
N HIS A 79 -16.72 38.11 -3.14
CA HIS A 79 -17.01 37.62 -4.47
C HIS A 79 -17.21 36.11 -4.46
N THR A 80 -18.10 35.65 -5.34
CA THR A 80 -18.40 34.23 -5.40
C THR A 80 -17.21 33.44 -5.94
N HIS A 81 -17.30 32.11 -5.83
CA HIS A 81 -16.20 31.25 -6.25
C HIS A 81 -15.95 31.37 -7.76
N ALA A 82 -17.02 31.38 -8.55
CA ALA A 82 -16.88 31.41 -10.00
C ALA A 82 -16.32 32.74 -10.50
N GLN A 83 -16.45 33.81 -9.73
CA GLN A 83 -15.97 35.11 -10.18
C GLN A 83 -14.45 35.21 -10.08
N VAL A 84 -13.87 34.73 -8.99
CA VAL A 84 -12.43 34.86 -8.81
C VAL A 84 -11.64 33.82 -9.61
N VAL A 85 -12.26 32.71 -9.97
CA VAL A 85 -11.55 31.71 -10.77
C VAL A 85 -11.52 32.11 -12.24
N LYS A 86 -12.56 32.80 -12.71
CA LYS A 86 -12.54 33.30 -14.08
C LYS A 86 -11.52 34.42 -14.24
N ILE A 87 -11.21 35.14 -13.16
CA ILE A 87 -10.15 36.14 -13.19
C ILE A 87 -8.81 35.46 -13.44
N PHE A 88 -8.49 34.42 -12.68
CA PHE A 88 -7.23 33.71 -12.84
C PHE A 88 -7.15 33.02 -14.19
N GLN A 89 -8.28 32.53 -14.70
CA GLN A 89 -8.26 31.81 -15.98
C GLN A 89 -8.21 32.76 -17.18
N SER A 90 -8.73 33.98 -17.03
CA SER A 90 -8.64 34.95 -18.12
C SER A 90 -7.22 35.48 -18.31
N ILE A 91 -6.35 35.29 -17.32
CA ILE A 91 -4.95 35.72 -17.44
C ILE A 91 -4.27 34.89 -18.51
N PRO A 92 -3.42 35.47 -19.35
CA PRO A 92 -2.64 34.66 -20.30
C PRO A 92 -1.31 34.22 -19.71
N ILE A 93 -0.71 33.23 -20.38
CA ILE A 93 0.58 32.71 -19.94
C ILE A 93 1.63 33.81 -20.05
N GLY A 94 2.45 33.94 -19.00
CA GLY A 94 3.47 34.95 -18.94
C GLY A 94 3.04 36.23 -18.25
N ALA A 95 1.74 36.52 -18.20
CA ALA A 95 1.24 37.69 -17.50
C ALA A 95 1.30 37.45 -16.00
N SER A 96 1.45 38.56 -15.25
CA SER A 96 1.64 38.51 -13.82
C SER A 96 0.39 39.00 -13.09
N VAL A 97 0.11 38.36 -11.95
CA VAL A 97 -1.04 38.72 -11.11
C VAL A 97 -0.52 39.12 -9.74
N ASP A 98 -1.14 40.15 -9.16
CA ASP A 98 -0.78 40.63 -7.83
C ASP A 98 -1.88 40.19 -6.85
N LEU A 99 -1.51 39.32 -5.92
CA LEU A 99 -2.45 38.79 -4.94
C LEU A 99 -2.14 39.37 -3.56
N GLU A 100 -3.16 39.89 -2.90
CA GLU A 100 -3.07 40.30 -1.50
C GLU A 100 -3.71 39.22 -0.64
N LEU A 101 -2.93 38.67 0.29
CA LEU A 101 -3.36 37.54 1.10
C LEU A 101 -3.34 37.92 2.58
N CYS A 102 -4.31 37.42 3.32
CA CYS A 102 -4.41 37.64 4.76
C CYS A 102 -4.17 36.32 5.47
N ARG A 103 -3.29 36.35 6.46
CA ARG A 103 -2.89 35.15 7.22
C ARG A 103 -3.30 35.35 8.67
N GLY A 104 -4.28 34.58 9.12
CA GLY A 104 -4.78 34.69 10.47
C GLY A 104 -6.06 33.90 10.67
N TYR A 105 -6.91 33.88 9.63
CA TYR A 105 -8.13 33.10 9.67
C TYR A 105 -7.86 31.71 9.10
N PRO A 106 -8.07 30.64 9.86
CA PRO A 106 -7.60 29.32 9.43
C PRO A 106 -8.60 28.54 8.61
N LEU A 107 -8.17 27.38 8.11
CA LEU A 107 -9.02 26.44 7.41
C LEU A 107 -8.79 25.05 7.98
N GLY A 108 -9.76 24.16 7.76
CA GLY A 108 -9.66 22.81 8.29
C GLY A 108 -9.52 22.75 9.79
N SER A 109 -10.20 23.64 10.50
CA SER A 109 -10.13 23.72 11.96
C SER A 109 -11.40 23.14 12.57
N SER A 110 -11.22 22.26 13.55
CA SER A 110 -12.35 21.72 14.29
C SER A 110 -12.87 22.77 15.26
N ALA A 111 -14.17 23.05 15.18
CA ALA A 111 -14.78 24.04 16.07
C ALA A 111 -14.97 23.52 17.49
N TYR A 112 -14.48 22.32 17.80
CA TYR A 112 -14.67 21.72 19.11
C TYR A 112 -13.36 21.49 19.85
N GLY A 113 -12.23 21.97 19.31
CA GLY A 113 -10.99 21.94 20.04
C GLY A 113 -10.89 23.06 21.05
N SER A 114 -9.96 22.92 21.99
CA SER A 114 -9.77 23.91 23.03
C SER A 114 -8.62 24.86 22.76
N VAL A 115 -7.57 24.41 22.08
CA VAL A 115 -6.41 25.24 21.74
C VAL A 115 -6.54 25.66 20.28
N LYS A 116 -6.62 26.96 20.05
CA LYS A 116 -6.77 27.52 18.72
C LYS A 116 -5.43 28.07 18.23
N ALA A 117 -5.31 28.20 16.91
CA ALA A 117 -4.11 28.74 16.31
C ALA A 117 -3.95 30.21 16.69
N TYR A 118 -2.71 30.60 16.98
CA TYR A 118 -2.43 31.99 17.37
C TYR A 118 -2.65 32.91 16.17
N THR A 119 -3.41 33.99 16.39
CA THR A 119 -3.78 34.87 15.28
C THR A 119 -2.58 35.67 14.79
N ASN A 120 -1.82 36.24 15.72
CA ASN A 120 -0.63 37.02 15.34
C ASN A 120 0.62 36.13 15.42
N PHE A 121 0.58 35.06 14.64
CA PHE A 121 1.63 34.04 14.71
C PHE A 121 2.95 34.58 14.18
N ASP A 122 4.03 34.18 14.85
CA ASP A 122 5.38 34.58 14.44
C ASP A 122 6.32 33.45 14.87
N ALA A 123 6.72 32.62 13.90
CA ALA A 123 7.52 31.45 14.22
C ALA A 123 8.91 31.84 14.73
N GLU A 124 9.51 32.87 14.14
CA GLU A 124 10.85 33.28 14.57
C GLU A 124 10.83 33.94 15.94
N ARG A 125 9.73 34.64 16.26
CA ARG A 125 9.62 35.30 17.56
C ARG A 125 9.51 34.27 18.68
N ASP A 126 8.64 33.27 18.51
CA ASP A 126 8.50 32.24 19.54
C ASP A 126 9.74 31.37 19.65
N ALA A 127 10.44 31.14 18.53
CA ALA A 127 11.67 30.36 18.58
C ALA A 127 12.75 31.08 19.38
N LEU A 128 12.85 32.40 19.21
CA LEU A 128 13.80 33.18 19.99
C LEU A 128 13.47 33.17 21.48
N ASN A 129 12.18 33.36 21.79
CA ASN A 129 11.81 33.49 23.23
C ASN A 129 12.00 32.14 23.93
N ILE A 130 11.82 31.05 23.21
CA ILE A 130 11.96 29.70 23.82
C ILE A 130 13.45 29.44 24.04
N GLU A 131 14.27 29.77 23.04
CA GLU A 131 15.73 29.60 23.21
C GLU A 131 16.14 30.29 24.50
N THR A 132 15.67 31.52 24.68
CA THR A 132 16.05 32.30 25.89
C THR A 132 15.71 31.47 27.12
N ALA A 133 14.48 30.99 27.23
CA ALA A 133 14.04 30.22 28.41
C ALA A 133 14.90 28.97 28.65
N ILE A 134 15.30 28.29 27.59
CA ILE A 134 16.11 27.04 27.74
C ILE A 134 17.44 27.41 28.41
N LYS A 135 18.07 28.47 27.95
CA LYS A 135 19.42 28.83 28.46
C LYS A 135 19.28 29.69 29.71
N THR A 136 18.08 30.16 30.02
CA THR A 136 17.86 30.90 31.28
C THR A 136 18.33 29.99 32.41
N LYS A 137 19.14 30.52 33.33
CA LYS A 137 19.54 29.70 34.50
C LYS A 137 18.29 29.40 35.33
N GLY A 138 17.80 28.17 35.24
CA GLY A 138 16.58 27.79 35.99
C GLY A 138 15.52 27.29 35.04
N VAL A 139 15.68 27.57 33.74
CA VAL A 139 14.68 27.19 32.69
C VAL A 139 13.34 27.86 32.94
N ASP A 140 13.01 28.90 32.17
CA ASP A 140 11.68 29.54 32.31
C ASP A 140 10.64 28.61 31.69
N GLU A 141 10.24 27.59 32.44
CA GLU A 141 9.21 26.64 31.95
C GLU A 141 7.94 27.44 31.75
N VAL A 142 7.71 28.45 32.58
CA VAL A 142 6.50 29.31 32.44
C VAL A 142 6.43 29.80 31.00
N THR A 143 7.52 30.38 30.50
CA THR A 143 7.49 30.93 29.13
C THR A 143 7.22 29.78 28.16
N ILE A 144 7.97 28.68 28.30
CA ILE A 144 7.82 27.57 27.36
C ILE A 144 6.39 27.04 27.36
N VAL A 145 5.77 26.96 28.54
CA VAL A 145 4.42 26.46 28.63
C VAL A 145 3.42 27.47 28.07
N ASN A 146 3.62 28.75 28.36
CA ASN A 146 2.70 29.78 27.86
C ASN A 146 2.70 29.84 26.34
N ILE A 147 3.85 29.60 25.71
CA ILE A 147 3.95 29.69 24.26
C ILE A 147 3.35 28.46 23.59
N LEU A 148 3.91 27.28 23.88
CA LEU A 148 3.56 26.08 23.13
C LEU A 148 2.10 25.69 23.33
N THR A 149 1.57 25.88 24.53
CA THR A 149 0.18 25.50 24.78
C THR A 149 -0.82 26.46 24.15
N ASN A 150 -0.39 27.64 23.73
CA ASN A 150 -1.26 28.59 23.03
C ASN A 150 -0.95 28.65 21.54
N ARG A 151 -0.45 27.54 20.99
CA ARG A 151 -0.20 27.42 19.56
C ARG A 151 -0.82 26.12 19.06
N SER A 152 -1.27 26.13 17.81
CA SER A 152 -1.75 24.91 17.19
C SER A 152 -0.57 23.98 16.89
N ASN A 153 -0.88 22.71 16.64
CA ASN A 153 0.17 21.74 16.38
C ASN A 153 0.96 22.11 15.12
N GLU A 154 0.26 22.51 14.06
CA GLU A 154 0.94 22.94 12.84
C GLU A 154 1.77 24.20 13.10
N GLN A 155 1.28 25.08 13.97
CA GLN A 155 2.08 26.23 14.38
C GLN A 155 3.28 25.79 15.21
N ARG A 156 3.11 24.77 16.05
CA ARG A 156 4.23 24.25 16.82
C ARG A 156 5.28 23.59 15.92
N GLN A 157 4.85 23.01 14.80
CA GLN A 157 5.82 22.46 13.85
C GLN A 157 6.67 23.57 13.25
N ASP A 158 6.06 24.73 12.97
CA ASP A 158 6.82 25.85 12.42
C ASP A 158 7.76 26.44 13.47
N ILE A 159 7.42 26.32 14.75
CA ILE A 159 8.34 26.75 15.80
C ILE A 159 9.60 25.88 15.81
N ALA A 160 9.42 24.57 15.61
CA ALA A 160 10.56 23.66 15.61
C ALA A 160 11.46 23.90 14.40
N PHE A 161 10.86 24.19 13.23
CA PHE A 161 11.66 24.49 12.06
C PHE A 161 12.39 25.82 12.21
N ALA A 162 11.70 26.84 12.72
CA ALA A 162 12.34 28.13 12.95
C ALA A 162 13.41 28.03 14.02
N TYR A 163 13.20 27.19 15.03
CA TYR A 163 14.21 26.99 16.06
C TYR A 163 15.42 26.25 15.52
N GLN A 164 15.22 25.34 14.55
CA GLN A 164 16.35 24.62 13.97
C GLN A 164 17.15 25.52 13.03
N ARG A 165 16.51 26.49 12.38
CA ARG A 165 17.22 27.38 11.49
C ARG A 165 18.18 28.29 12.26
N ARG A 166 17.74 28.79 13.42
CA ARG A 166 18.50 29.78 14.16
C ARG A 166 19.42 29.19 15.23
N THR A 167 19.29 27.89 15.53
CA THR A 167 20.14 27.26 16.53
C THR A 167 20.84 26.00 16.04
N LYS A 168 20.48 25.48 14.87
CA LYS A 168 21.06 24.25 14.31
C LYS A 168 20.85 23.04 15.23
N LYS A 169 19.94 23.16 16.20
CA LYS A 169 19.62 22.07 17.11
C LYS A 169 18.11 21.92 17.17
N GLU A 170 17.64 20.67 17.11
CA GLU A 170 16.21 20.42 17.10
C GLU A 170 15.57 20.80 18.43
N LEU A 171 14.34 21.32 18.36
CA LEU A 171 13.65 21.78 19.56
C LEU A 171 13.30 20.61 20.47
N ALA A 172 13.03 19.43 19.90
CA ALA A 172 12.70 18.27 20.72
C ALA A 172 13.88 17.85 21.58
N SER A 173 15.10 17.91 21.03
CA SER A 173 16.27 17.53 21.80
C SER A 173 16.61 18.57 22.86
N ALA A 174 16.46 19.85 22.52
CA ALA A 174 16.79 20.91 23.47
C ALA A 174 15.81 20.92 24.64
N LEU A 175 14.52 20.73 24.36
CA LEU A 175 13.52 20.71 25.43
C LEU A 175 13.56 19.42 26.24
N LYS A 176 14.08 18.34 25.67
CA LYS A 176 14.22 17.09 26.42
C LYS A 176 15.32 17.18 27.47
N SER A 177 16.29 18.08 27.30
CA SER A 177 17.38 18.22 28.24
C SER A 177 17.09 19.26 29.32
N ALA A 178 16.29 20.29 29.01
CA ALA A 178 16.04 21.37 29.95
C ALA A 178 14.82 21.11 30.83
N LEU A 179 13.94 20.20 30.44
CA LEU A 179 12.73 19.90 31.21
C LEU A 179 12.88 18.55 31.90
N SER A 180 11.95 18.27 32.82
CA SER A 180 12.02 17.05 33.61
C SER A 180 10.64 16.73 34.15
N GLY A 181 10.42 15.43 34.40
CA GLY A 181 9.17 15.00 35.00
C GLY A 181 8.03 14.92 33.98
N HIS A 182 6.81 15.05 34.50
CA HIS A 182 5.62 15.00 33.64
C HIS A 182 5.56 16.20 32.71
N LEU A 183 6.13 17.33 33.11
CA LEU A 183 6.15 18.50 32.24
C LEU A 183 6.94 18.21 30.97
N GLU A 184 8.04 17.46 31.09
CA GLU A 184 8.79 17.05 29.91
C GLU A 184 7.95 16.15 29.01
N THR A 185 7.12 15.30 29.61
CA THR A 185 6.29 14.39 28.82
C THR A 185 5.26 15.17 28.01
N VAL A 186 4.64 16.18 28.61
CA VAL A 186 3.59 16.93 27.91
C VAL A 186 4.18 17.71 26.75
N ILE A 187 5.28 18.42 26.99
CA ILE A 187 5.84 19.28 25.96
C ILE A 187 6.32 18.46 24.77
N LEU A 188 7.03 17.36 25.04
CA LEU A 188 7.50 16.50 23.95
C LEU A 188 6.33 15.91 23.16
N GLY A 189 5.21 15.65 23.82
CA GLY A 189 4.04 15.18 23.10
C GLY A 189 3.38 16.25 22.26
N LEU A 190 3.39 17.50 22.74
CA LEU A 190 2.82 18.60 21.97
C LEU A 190 3.67 18.93 20.74
N LEU A 191 4.98 18.66 20.81
CA LEU A 191 5.85 18.96 19.68
C LEU A 191 5.63 18.01 18.51
N LYS A 192 5.18 16.79 18.79
CA LYS A 192 4.93 15.81 17.74
C LYS A 192 3.60 16.09 17.05
N THR A 193 3.51 15.67 15.78
CA THR A 193 2.26 15.75 15.05
C THR A 193 1.28 14.71 15.60
N PRO A 194 -0.01 14.87 15.30
CA PRO A 194 -0.98 13.84 15.72
C PRO A 194 -0.62 12.44 15.29
N ALA A 195 -0.12 12.28 14.06
CA ALA A 195 0.30 10.96 13.61
C ALA A 195 1.58 10.52 14.30
N GLN A 196 2.54 11.43 14.46
CA GLN A 196 3.80 11.09 15.12
C GLN A 196 3.58 10.78 16.59
N TYR A 197 2.68 11.51 17.26
CA TYR A 197 2.45 11.28 18.68
C TYR A 197 1.75 9.96 18.92
N ASP A 198 0.75 9.63 18.10
CA ASP A 198 0.05 8.36 18.26
C ASP A 198 0.95 7.19 17.92
N ALA A 199 1.78 7.32 16.88
CA ALA A 199 2.67 6.23 16.49
C ALA A 199 3.69 5.95 17.58
N SER A 200 4.18 6.99 18.26
CA SER A 200 5.15 6.79 19.33
C SER A 200 4.52 6.10 20.53
N GLU A 201 3.29 6.49 20.89
CA GLU A 201 2.61 5.86 22.01
C GLU A 201 2.32 4.40 21.74
N LEU A 202 1.96 4.07 20.49
CA LEU A 202 1.66 2.69 20.13
C LEU A 202 2.90 1.81 20.29
N LYS A 203 4.04 2.27 19.80
CA LYS A 203 5.28 1.52 19.98
C LYS A 203 5.65 1.40 21.45
N ALA A 204 5.36 2.44 22.24
CA ALA A 204 5.64 2.38 23.67
C ALA A 204 4.77 1.34 24.37
N SER A 205 3.54 1.17 23.92
CA SER A 205 2.64 0.18 24.53
C SER A 205 3.05 -1.24 24.20
N MET A 206 3.85 -1.45 23.16
CA MET A 206 4.32 -2.78 22.77
C MET A 206 5.79 -3.01 23.08
N LYS A 207 6.47 -2.05 23.70
CA LYS A 207 7.87 -2.25 24.06
C LYS A 207 7.98 -3.35 25.11
N GLY A 208 9.10 -4.08 25.05
CA GLY A 208 9.28 -5.25 25.88
C GLY A 208 8.44 -6.42 25.39
N LEU A 209 8.55 -7.53 26.11
CA LEU A 209 7.72 -8.69 25.81
C LEU A 209 6.30 -8.54 26.36
N GLY A 210 6.12 -7.72 27.40
CA GLY A 210 4.79 -7.38 27.86
C GLY A 210 4.13 -6.36 26.95
N THR A 211 2.88 -6.03 27.28
CA THR A 211 2.10 -5.09 26.48
C THR A 211 1.26 -4.22 27.40
N ASP A 212 1.30 -2.91 27.17
CA ASP A 212 0.37 -1.99 27.80
C ASP A 212 -0.91 -2.04 26.98
N GLU A 213 -1.78 -3.02 27.30
CA GLU A 213 -2.97 -3.24 26.49
C GLU A 213 -3.93 -2.06 26.54
N ASP A 214 -3.90 -1.28 27.62
CA ASP A 214 -4.86 -0.18 27.76
C ASP A 214 -4.54 0.96 26.80
N SER A 215 -3.27 1.34 26.70
CA SER A 215 -2.88 2.40 25.76
C SER A 215 -3.11 1.97 24.33
N LEU A 216 -2.86 0.69 24.03
CA LEU A 216 -3.08 0.18 22.68
C LEU A 216 -4.57 0.22 22.33
N ILE A 217 -5.42 -0.23 23.25
CA ILE A 217 -6.85 -0.26 22.99
C ILE A 217 -7.40 1.16 22.83
N GLU A 218 -6.90 2.10 23.64
CA GLU A 218 -7.41 3.46 23.62
C GLU A 218 -7.18 4.12 22.25
N ILE A 219 -5.97 4.00 21.73
CA ILE A 219 -5.63 4.69 20.49
C ILE A 219 -6.29 4.02 19.29
N ILE A 220 -6.29 2.68 19.27
CA ILE A 220 -6.81 1.97 18.10
C ILE A 220 -8.32 2.11 18.00
N CYS A 221 -9.03 2.06 19.14
CA CYS A 221 -10.48 2.08 19.13
C CYS A 221 -11.05 3.48 18.92
N SER A 222 -10.28 4.53 19.18
CA SER A 222 -10.80 5.89 19.15
C SER A 222 -10.41 6.66 17.89
N ARG A 223 -9.57 6.10 17.03
CA ARG A 223 -9.09 6.81 15.85
C ARG A 223 -9.91 6.42 14.63
N THR A 224 -10.08 7.40 13.73
CA THR A 224 -10.89 7.23 12.54
C THR A 224 -10.07 6.63 11.40
N ASN A 225 -10.70 6.49 10.24
CA ASN A 225 -9.99 5.95 9.07
C ASN A 225 -8.83 6.84 8.66
N GLN A 226 -9.08 8.15 8.55
CA GLN A 226 -8.03 9.06 8.10
C GLN A 226 -6.86 9.09 9.08
N GLU A 227 -7.16 9.12 10.39
CA GLU A 227 -6.10 9.14 11.37
C GLU A 227 -5.29 7.85 11.36
N LEU A 228 -5.97 6.71 11.25
CA LEU A 228 -5.28 5.43 11.23
C LEU A 228 -4.46 5.26 9.96
N GLN A 229 -4.96 5.74 8.83
CA GLN A 229 -4.20 5.64 7.58
C GLN A 229 -2.92 6.45 7.64
N GLU A 230 -2.93 7.57 8.37
CA GLU A 230 -1.72 8.37 8.51
C GLU A 230 -0.78 7.79 9.56
N ILE A 231 -1.33 7.16 10.60
CA ILE A 231 -0.50 6.53 11.62
C ILE A 231 0.28 5.36 11.02
N ASN A 232 -0.38 4.55 10.20
CA ASN A 232 0.29 3.40 9.57
C ASN A 232 1.46 3.85 8.72
N ARG A 233 1.31 4.97 8.00
CA ARG A 233 2.39 5.45 7.16
C ARG A 233 3.54 6.00 8.00
N VAL A 234 3.22 6.75 9.06
CA VAL A 234 4.26 7.36 9.88
C VAL A 234 4.97 6.29 10.73
N TYR A 235 4.22 5.31 11.23
CA TYR A 235 4.82 4.26 12.05
C TYR A 235 5.81 3.43 11.24
N LYS A 236 5.49 3.19 9.95
CA LYS A 236 6.40 2.42 9.11
C LYS A 236 7.65 3.21 8.76
N GLU A 237 7.55 4.54 8.71
CA GLU A 237 8.72 5.37 8.41
C GLU A 237 9.57 5.62 9.64
N MET A 238 9.00 5.53 10.84
CA MET A 238 9.75 5.79 12.07
C MET A 238 10.46 4.54 12.59
N TYR A 239 9.80 3.38 12.55
CA TYR A 239 10.35 2.17 13.13
C TYR A 239 10.64 1.10 12.10
N LYS A 240 10.52 1.41 10.80
CA LYS A 240 10.85 0.50 9.71
C LYS A 240 10.07 -0.82 9.82
N THR A 241 8.88 -0.77 10.41
CA THR A 241 8.07 -1.96 10.61
C THR A 241 6.60 -1.56 10.55
N ASP A 242 5.82 -2.31 9.77
CA ASP A 242 4.39 -2.07 9.69
C ASP A 242 3.75 -2.23 11.07
N LEU A 243 2.80 -1.35 11.38
CA LEU A 243 2.13 -1.41 12.68
C LEU A 243 1.43 -2.74 12.89
N GLU A 244 0.88 -3.34 11.82
CA GLU A 244 0.20 -4.60 11.96
C GLU A 244 1.15 -5.71 12.41
N LYS A 245 2.43 -5.60 12.05
CA LYS A 245 3.39 -6.63 12.45
C LYS A 245 3.65 -6.59 13.95
N ASP A 246 3.88 -5.39 14.50
CA ASP A 246 4.12 -5.28 15.93
C ASP A 246 2.86 -5.59 16.74
N ILE A 247 1.68 -5.37 16.16
CA ILE A 247 0.45 -5.74 16.84
C ILE A 247 0.32 -7.26 16.94
N ILE A 248 0.62 -7.97 15.85
CA ILE A 248 0.58 -9.42 15.87
C ILE A 248 1.63 -9.97 16.85
N SER A 249 2.79 -9.30 16.93
CA SER A 249 3.85 -9.76 17.80
C SER A 249 3.53 -9.57 19.29
N ASP A 250 2.61 -8.67 19.62
CA ASP A 250 2.28 -8.38 21.00
C ASP A 250 0.84 -8.70 21.38
N THR A 251 0.06 -9.26 20.45
CA THR A 251 -1.32 -9.66 20.73
C THR A 251 -1.54 -11.08 20.22
N SER A 252 -2.65 -11.67 20.65
CA SER A 252 -2.97 -13.05 20.28
C SER A 252 -4.48 -13.24 20.39
N GLY A 253 -4.95 -14.34 19.80
CA GLY A 253 -6.35 -14.72 19.87
C GLY A 253 -7.29 -13.74 19.19
N ASP A 254 -8.53 -13.76 19.64
CA ASP A 254 -9.54 -12.85 19.10
C ASP A 254 -9.18 -11.39 19.38
N PHE A 255 -8.47 -11.12 20.47
CA PHE A 255 -8.00 -9.77 20.75
C PHE A 255 -7.09 -9.28 19.63
N ARG A 256 -6.18 -10.14 19.17
CA ARG A 256 -5.32 -9.79 18.04
C ARG A 256 -6.14 -9.49 16.80
N LYS A 257 -7.15 -10.32 16.52
CA LYS A 257 -7.97 -10.11 15.32
C LYS A 257 -8.68 -8.77 15.38
N LEU A 258 -9.23 -8.41 16.54
CA LEU A 258 -9.96 -7.15 16.65
C LEU A 258 -9.03 -5.95 16.48
N MET A 259 -7.86 -5.98 17.10
CA MET A 259 -6.93 -4.85 17.00
C MET A 259 -6.37 -4.72 15.60
N VAL A 260 -6.10 -5.85 14.94
CA VAL A 260 -5.63 -5.81 13.56
C VAL A 260 -6.72 -5.28 12.63
N ALA A 261 -7.97 -5.71 12.85
CA ALA A 261 -9.07 -5.23 12.02
C ALA A 261 -9.28 -3.74 12.19
N LEU A 262 -9.32 -3.27 13.44
CA LEU A 262 -9.51 -1.84 13.69
C LEU A 262 -8.34 -1.02 13.16
N ALA A 263 -7.12 -1.49 13.37
CA ALA A 263 -5.94 -0.72 12.99
C ALA A 263 -5.83 -0.52 11.48
N LYS A 264 -6.48 -1.38 10.68
CA LYS A 264 -6.44 -1.23 9.24
C LYS A 264 -7.05 0.11 8.81
N GLY A 265 -7.96 0.66 9.60
CA GLY A 265 -8.60 1.91 9.26
C GLY A 265 -9.38 1.85 7.96
N ARG A 266 -9.91 0.69 7.62
CA ARG A 266 -10.69 0.50 6.40
C ARG A 266 -12.19 0.40 6.71
N ARG A 267 -12.62 1.04 7.79
CA ARG A 267 -14.04 1.08 8.12
C ARG A 267 -14.80 1.82 7.03
N ALA A 268 -16.00 1.33 6.71
CA ALA A 268 -16.80 1.95 5.66
C ALA A 268 -17.17 3.38 6.06
N GLU A 269 -17.00 4.30 5.13
CA GLU A 269 -17.40 5.68 5.36
C GLU A 269 -18.91 5.76 5.50
N ASP A 270 -19.37 6.82 6.18
CA ASP A 270 -20.80 6.99 6.42
C ASP A 270 -21.54 7.18 5.11
N GLY A 271 -22.54 6.32 4.88
CA GLY A 271 -23.33 6.43 3.67
C GLY A 271 -24.31 7.59 3.72
N SER A 272 -24.71 8.03 2.52
CA SER A 272 -25.64 9.15 2.42
C SER A 272 -27.01 8.78 2.97
N VAL A 273 -27.55 7.65 2.54
CA VAL A 273 -28.86 7.19 2.97
C VAL A 273 -28.69 6.16 4.07
N ILE A 274 -29.67 6.10 4.96
CA ILE A 274 -29.65 5.19 6.10
C ILE A 274 -30.20 3.84 5.66
N ASP A 275 -29.46 2.77 5.96
CA ASP A 275 -29.86 1.41 5.61
C ASP A 275 -30.58 0.80 6.80
N TYR A 276 -31.88 1.05 6.88
CA TYR A 276 -32.66 0.57 8.03
C TYR A 276 -32.72 -0.96 8.07
N GLU A 277 -32.74 -1.61 6.91
CA GLU A 277 -32.82 -3.06 6.89
C GLU A 277 -31.52 -3.69 7.39
N LEU A 278 -30.38 -3.15 6.96
CA LEU A 278 -29.10 -3.64 7.46
C LEU A 278 -28.91 -3.30 8.93
N ILE A 279 -29.51 -2.21 9.40
CA ILE A 279 -29.49 -1.90 10.82
C ILE A 279 -30.17 -3.02 11.60
N ASP A 280 -31.34 -3.46 11.14
CA ASP A 280 -32.08 -4.52 11.83
C ASP A 280 -31.33 -5.84 11.74
N GLN A 281 -30.76 -6.14 10.58
CA GLN A 281 -30.07 -7.43 10.41
C GLN A 281 -28.80 -7.50 11.23
N ASP A 282 -28.05 -6.40 11.29
CA ASP A 282 -26.82 -6.38 12.10
C ASP A 282 -27.14 -6.57 13.57
N ALA A 283 -28.27 -6.01 14.03
CA ALA A 283 -28.67 -6.22 15.42
C ALA A 283 -29.05 -7.67 15.67
N ARG A 284 -29.78 -8.28 14.73
CA ARG A 284 -30.13 -9.70 14.86
C ARG A 284 -28.88 -10.57 14.93
N ASP A 285 -27.89 -10.26 14.10
CA ASP A 285 -26.67 -11.08 14.08
C ASP A 285 -25.87 -10.91 15.36
N LEU A 286 -25.82 -9.69 15.90
CA LEU A 286 -25.12 -9.49 17.18
C LEU A 286 -25.83 -10.24 18.32
N TYR A 287 -27.15 -10.34 18.26
CA TYR A 287 -27.89 -11.04 19.30
C TYR A 287 -27.80 -12.56 19.12
N ASP A 288 -27.97 -13.04 17.89
CA ASP A 288 -27.90 -14.48 17.63
C ASP A 288 -26.50 -15.04 17.87
N ALA A 289 -25.46 -14.21 17.78
CA ALA A 289 -24.10 -14.68 17.95
C ALA A 289 -23.62 -14.62 19.39
N GLY A 290 -24.37 -13.98 20.29
CA GLY A 290 -23.91 -13.82 21.65
C GLY A 290 -24.86 -14.30 22.73
N VAL A 291 -25.91 -13.52 22.99
CA VAL A 291 -26.76 -13.80 24.14
C VAL A 291 -27.72 -14.95 23.88
N LYS A 292 -28.20 -15.10 22.64
CA LYS A 292 -29.22 -16.12 22.38
C LYS A 292 -28.67 -17.52 22.59
N ARG A 293 -27.61 -17.88 21.88
CA ARG A 293 -26.99 -19.18 22.05
C ARG A 293 -25.87 -19.13 23.07
N LYS A 294 -25.49 -20.30 23.57
CA LYS A 294 -24.41 -20.40 24.55
C LYS A 294 -23.06 -20.32 23.85
N GLY A 295 -22.08 -19.77 24.56
CA GLY A 295 -20.81 -19.42 23.95
C GLY A 295 -20.88 -18.07 23.29
N THR A 296 -19.92 -17.80 22.40
CA THR A 296 -19.91 -16.53 21.69
C THR A 296 -19.24 -16.70 20.33
N ASP A 297 -19.83 -16.07 19.32
CA ASP A 297 -19.25 -16.01 17.97
C ASP A 297 -18.55 -14.66 17.86
N VAL A 298 -17.30 -14.62 18.34
CA VAL A 298 -16.55 -13.36 18.33
C VAL A 298 -16.29 -12.84 16.92
N PRO A 299 -15.89 -13.67 15.94
CA PRO A 299 -15.65 -13.12 14.59
C PRO A 299 -16.82 -12.33 14.01
N LYS A 300 -18.06 -12.74 14.30
CA LYS A 300 -19.21 -12.00 13.80
C LYS A 300 -19.32 -10.63 14.46
N TRP A 301 -18.95 -10.52 15.74
CA TRP A 301 -18.93 -9.23 16.39
C TRP A 301 -17.84 -8.34 15.80
N ILE A 302 -16.65 -8.91 15.56
CA ILE A 302 -15.55 -8.13 14.99
C ILE A 302 -15.92 -7.62 13.61
N SER A 303 -16.56 -8.44 12.79
CA SER A 303 -16.91 -8.04 11.44
C SER A 303 -17.87 -6.85 11.45
N ILE A 304 -18.93 -6.93 12.25
CA ILE A 304 -19.94 -5.88 12.23
C ILE A 304 -19.41 -4.60 12.88
N MET A 305 -18.73 -4.72 14.01
CA MET A 305 -18.32 -3.54 14.77
C MET A 305 -17.11 -2.82 14.16
N THR A 306 -16.39 -3.46 13.24
CA THR A 306 -15.25 -2.82 12.60
C THR A 306 -15.52 -2.34 11.19
N GLU A 307 -16.38 -3.03 10.44
CA GLU A 307 -16.59 -2.71 9.04
C GLU A 307 -17.68 -1.66 8.81
N ARG A 308 -18.73 -1.66 9.63
CA ARG A 308 -19.83 -0.72 9.45
C ARG A 308 -19.43 0.68 9.91
N SER A 309 -20.06 1.69 9.30
CA SER A 309 -19.80 3.07 9.66
C SER A 309 -20.27 3.36 11.08
N VAL A 310 -19.73 4.42 11.66
CA VAL A 310 -20.07 4.78 13.04
C VAL A 310 -21.54 5.16 13.19
N PRO A 311 -22.10 6.06 12.37
CA PRO A 311 -23.53 6.38 12.55
C PRO A 311 -24.43 5.16 12.38
N HIS A 312 -24.07 4.25 11.47
CA HIS A 312 -24.83 3.01 11.30
C HIS A 312 -24.82 2.19 12.58
N LEU A 313 -23.64 1.97 13.15
CA LEU A 313 -23.53 1.13 14.34
C LEU A 313 -24.23 1.76 15.54
N GLN A 314 -24.33 3.09 15.58
CA GLN A 314 -25.11 3.74 16.64
C GLN A 314 -26.57 3.29 16.58
N LYS A 315 -27.15 3.30 15.38
CA LYS A 315 -28.52 2.85 15.23
C LYS A 315 -28.64 1.33 15.39
N VAL A 316 -27.55 0.61 15.12
CA VAL A 316 -27.55 -0.83 15.33
C VAL A 316 -27.65 -1.15 16.82
N PHE A 317 -26.82 -0.46 17.63
CA PHE A 317 -26.83 -0.72 19.07
C PHE A 317 -28.17 -0.33 19.70
N ASP A 318 -28.86 0.67 19.13
CA ASP A 318 -30.18 1.01 19.64
C ASP A 318 -31.20 -0.04 19.25
N ARG A 319 -31.14 -0.53 18.01
CA ARG A 319 -32.01 -1.63 17.59
C ARG A 319 -31.64 -2.93 18.30
N TYR A 320 -30.40 -3.06 18.78
CA TYR A 320 -30.00 -4.25 19.53
C TYR A 320 -30.80 -4.40 20.81
N LYS A 321 -31.18 -3.29 21.43
CA LYS A 321 -31.99 -3.35 22.65
C LYS A 321 -33.37 -3.95 22.41
N SER A 322 -33.84 -3.94 21.15
CA SER A 322 -35.13 -4.53 20.85
C SER A 322 -35.09 -6.06 20.86
N TYR A 323 -33.93 -6.64 20.58
CA TYR A 323 -33.78 -8.10 20.56
C TYR A 323 -33.19 -8.66 21.84
N SER A 324 -32.39 -7.87 22.57
CA SER A 324 -31.68 -8.41 23.72
C SER A 324 -32.16 -7.79 25.02
N PRO A 325 -32.23 -8.57 26.10
CA PRO A 325 -32.55 -7.98 27.41
C PRO A 325 -31.45 -7.05 27.93
N TYR A 326 -30.22 -7.21 27.47
CA TYR A 326 -29.11 -6.35 27.85
C TYR A 326 -28.65 -5.52 26.66
N ASP A 327 -28.18 -4.31 26.92
CA ASP A 327 -27.66 -3.48 25.85
C ASP A 327 -26.30 -4.00 25.39
N MET A 328 -25.68 -3.28 24.46
CA MET A 328 -24.44 -3.76 23.86
C MET A 328 -23.31 -3.82 24.88
N LEU A 329 -23.26 -2.86 25.81
CA LEU A 329 -22.19 -2.86 26.80
C LEU A 329 -22.36 -4.02 27.78
N GLU A 330 -23.58 -4.22 28.30
CA GLU A 330 -23.81 -5.33 29.21
C GLU A 330 -23.68 -6.68 28.52
N SER A 331 -23.97 -6.74 27.22
CA SER A 331 -23.79 -7.98 26.48
C SER A 331 -22.32 -8.35 26.38
N ILE A 332 -21.44 -7.35 26.24
CA ILE A 332 -20.01 -7.61 26.13
C ILE A 332 -19.47 -8.21 27.42
N ARG A 333 -19.88 -7.65 28.56
CA ARG A 333 -19.36 -8.12 29.84
C ARG A 333 -19.76 -9.57 30.12
N LYS A 334 -20.93 -9.99 29.63
CA LYS A 334 -21.39 -11.35 29.90
C LYS A 334 -20.80 -12.34 28.91
N GLU A 335 -20.62 -11.94 27.65
CA GLU A 335 -20.23 -12.90 26.62
C GLU A 335 -18.72 -13.11 26.56
N VAL A 336 -17.94 -12.04 26.68
CA VAL A 336 -16.48 -12.13 26.60
C VAL A 336 -15.89 -11.52 27.86
N LYS A 337 -14.60 -11.82 28.08
CA LYS A 337 -13.87 -11.32 29.23
C LYS A 337 -12.41 -11.09 28.82
N GLY A 338 -11.67 -10.44 29.70
CA GLY A 338 -10.25 -10.23 29.45
C GLY A 338 -9.98 -9.06 28.52
N ASP A 339 -8.85 -9.15 27.80
CA ASP A 339 -8.45 -8.10 26.88
C ASP A 339 -9.49 -7.90 25.78
N LEU A 340 -10.09 -8.99 25.31
CA LEU A 340 -11.12 -8.89 24.29
C LEU A 340 -12.32 -8.09 24.78
N GLU A 341 -12.68 -8.27 26.05
CA GLU A 341 -13.80 -7.51 26.62
C GLU A 341 -13.47 -6.03 26.73
N ASN A 342 -12.28 -5.71 27.26
CA ASN A 342 -11.91 -4.31 27.42
C ASN A 342 -11.84 -3.59 26.07
N ALA A 343 -11.41 -4.30 25.03
CA ALA A 343 -11.35 -3.69 23.70
C ALA A 343 -12.74 -3.47 23.13
N PHE A 344 -13.65 -4.44 23.34
CA PHE A 344 -15.01 -4.28 22.85
C PHE A 344 -15.74 -3.16 23.60
N LEU A 345 -15.54 -3.08 24.91
CA LEU A 345 -16.16 -2.01 25.69
C LEU A 345 -15.65 -0.65 25.25
N ASN A 346 -14.35 -0.52 25.02
CA ASN A 346 -13.79 0.74 24.56
C ASN A 346 -14.29 1.10 23.17
N LEU A 347 -14.43 0.10 22.29
CA LEU A 347 -14.91 0.37 20.94
C LEU A 347 -16.34 0.89 20.93
N VAL A 348 -17.22 0.25 21.71
CA VAL A 348 -18.63 0.64 21.71
C VAL A 348 -18.80 2.03 22.31
N GLN A 349 -18.01 2.35 23.34
CA GLN A 349 -18.07 3.70 23.92
C GLN A 349 -17.68 4.75 22.87
N CYS A 350 -16.62 4.49 22.10
CA CYS A 350 -16.17 5.44 21.09
C CYS A 350 -17.23 5.63 20.01
N ILE A 351 -18.01 4.59 19.72
CA ILE A 351 -19.04 4.70 18.70
C ILE A 351 -20.24 5.49 19.24
N GLN A 352 -20.72 5.12 20.43
CA GLN A 352 -21.92 5.76 20.97
C GLN A 352 -21.68 7.22 21.29
N ASN A 353 -20.63 7.51 22.05
CA ASN A 353 -20.32 8.89 22.43
C ASN A 353 -18.82 8.96 22.73
N LYS A 354 -18.04 9.38 21.74
CA LYS A 354 -16.59 9.39 21.93
C LYS A 354 -16.16 10.48 22.93
N PRO A 355 -16.70 11.70 22.88
CA PRO A 355 -16.34 12.67 23.93
C PRO A 355 -16.66 12.18 25.33
N LEU A 356 -17.78 11.47 25.50
CA LEU A 356 -18.09 10.90 26.80
C LEU A 356 -17.08 9.82 27.18
N TYR A 357 -16.62 9.05 26.19
CA TYR A 357 -15.63 8.00 26.46
C TYR A 357 -14.33 8.58 27.01
N PHE A 358 -13.87 9.69 26.44
CA PHE A 358 -12.64 10.30 26.94
C PHE A 358 -12.85 10.98 28.28
N ALA A 359 -14.08 11.43 28.57
CA ALA A 359 -14.36 12.02 29.87
C ALA A 359 -14.24 10.99 30.98
N ASP A 360 -14.80 9.80 30.76
CA ASP A 360 -14.70 8.74 31.77
C ASP A 360 -13.26 8.30 31.97
N ARG A 361 -12.50 8.15 30.89
CA ARG A 361 -11.09 7.79 31.00
C ARG A 361 -10.31 8.84 31.78
N LEU A 362 -10.65 10.12 31.60
CA LEU A 362 -10.02 11.17 32.39
C LEU A 362 -10.40 11.07 33.86
N TYR A 363 -11.67 10.79 34.15
CA TYR A 363 -12.10 10.66 35.54
C TYR A 363 -11.50 9.42 36.18
N ASP A 364 -11.36 8.33 35.42
CA ASP A 364 -10.75 7.12 35.95
C ASP A 364 -9.29 7.33 36.29
N SER A 365 -8.60 8.18 35.54
CA SER A 365 -7.17 8.43 35.76
C SER A 365 -6.91 9.33 36.97
N MET A 366 -7.95 9.86 37.61
CA MET A 366 -7.77 10.80 38.71
C MET A 366 -8.62 10.49 39.94
N LYS A 367 -9.61 9.60 39.85
CA LYS A 367 -10.55 9.41 40.95
C LYS A 367 -9.87 8.81 42.18
N GLY A 368 -8.93 7.89 41.98
CA GLY A 368 -8.28 7.18 43.06
C GLY A 368 -7.04 7.89 43.55
N LYS A 369 -6.25 7.15 44.33
CA LYS A 369 -4.98 7.66 44.83
C LYS A 369 -4.01 7.89 43.69
N GLY A 370 -3.33 9.04 43.70
CA GLY A 370 -2.36 9.34 42.67
C GLY A 370 -3.04 9.73 41.36
N THR A 371 -2.31 9.51 40.26
CA THR A 371 -2.79 9.89 38.94
C THR A 371 -2.16 9.00 37.89
N ARG A 372 -2.99 8.45 37.01
CA ARG A 372 -2.51 7.75 35.82
C ARG A 372 -2.09 8.81 34.81
N ASP A 373 -0.89 9.35 35.02
CA ASP A 373 -0.42 10.48 34.22
C ASP A 373 -0.29 10.11 32.75
N LYS A 374 0.02 8.85 32.44
CA LYS A 374 0.16 8.45 31.05
C LYS A 374 -1.15 8.60 30.30
N VAL A 375 -2.27 8.20 30.91
CA VAL A 375 -3.56 8.34 30.26
C VAL A 375 -4.00 9.80 30.25
N LEU A 376 -3.75 10.52 31.34
CA LEU A 376 -4.17 11.92 31.43
C LEU A 376 -3.42 12.79 30.41
N ILE A 377 -2.11 12.58 30.28
CA ILE A 377 -1.33 13.41 29.36
C ILE A 377 -1.73 13.13 27.91
N ARG A 378 -1.89 11.84 27.55
CA ARG A 378 -2.18 11.50 26.17
C ARG A 378 -3.50 12.09 25.70
N ILE A 379 -4.53 12.03 26.55
CA ILE A 379 -5.84 12.53 26.16
C ILE A 379 -5.82 14.05 26.02
N MET A 380 -5.22 14.74 26.99
CA MET A 380 -5.17 16.20 26.95
C MET A 380 -4.34 16.71 25.78
N VAL A 381 -3.48 15.89 25.19
CA VAL A 381 -2.65 16.31 24.06
C VAL A 381 -3.30 15.94 22.74
N SER A 382 -3.77 14.70 22.60
CA SER A 382 -4.31 14.24 21.33
C SER A 382 -5.68 14.83 21.02
N ARG A 383 -6.51 15.09 22.04
CA ARG A 383 -7.85 15.61 21.84
C ARG A 383 -7.93 17.12 22.03
N SER A 384 -6.80 17.79 22.20
CA SER A 384 -6.82 19.24 22.45
C SER A 384 -7.32 20.01 21.24
N GLU A 385 -6.97 19.56 20.03
CA GLU A 385 -7.41 20.20 18.80
C GLU A 385 -8.52 19.41 18.10
N VAL A 386 -9.18 18.50 18.81
CA VAL A 386 -10.23 17.69 18.20
C VAL A 386 -11.57 18.01 18.84
N ASP A 387 -11.84 17.43 20.01
CA ASP A 387 -13.15 17.53 20.64
C ASP A 387 -13.03 17.80 22.13
N MET A 388 -12.06 18.64 22.52
CA MET A 388 -11.86 18.94 23.93
C MET A 388 -13.06 19.68 24.50
N LEU A 389 -13.68 20.56 23.72
CA LEU A 389 -14.86 21.29 24.20
C LEU A 389 -16.02 20.35 24.47
N LYS A 390 -16.16 19.28 23.68
CA LYS A 390 -17.23 18.32 23.92
C LYS A 390 -16.93 17.45 25.13
N ILE A 391 -15.66 17.07 25.32
CA ILE A 391 -15.29 16.27 26.48
C ILE A 391 -15.55 17.03 27.77
N ARG A 392 -15.19 18.31 27.79
CA ARG A 392 -15.47 19.15 28.95
C ARG A 392 -16.97 19.25 29.21
N SER A 393 -17.76 19.30 28.14
CA SER A 393 -19.21 19.39 28.28
C SER A 393 -19.78 18.12 28.90
N GLU A 394 -19.40 16.95 28.36
CA GLU A 394 -19.87 15.69 28.92
C GLU A 394 -19.33 15.46 30.32
N PHE A 395 -18.16 16.02 30.63
CA PHE A 395 -17.55 15.80 31.95
C PHE A 395 -18.36 16.49 33.04
N LYS A 396 -18.57 17.80 32.90
CA LYS A 396 -19.31 18.53 33.93
C LYS A 396 -20.76 18.10 34.01
N ARG A 397 -21.33 17.66 32.88
CA ARG A 397 -22.71 17.18 32.88
C ARG A 397 -22.86 15.92 33.74
N LYS A 398 -21.82 15.08 33.79
CA LYS A 398 -21.87 13.81 34.51
C LYS A 398 -21.30 13.90 35.91
N TYR A 399 -20.16 14.55 36.10
CA TYR A 399 -19.46 14.56 37.37
C TYR A 399 -19.69 15.83 38.18
N GLY A 400 -20.55 16.71 37.72
CA GLY A 400 -20.88 17.92 38.49
C GLY A 400 -19.86 19.04 38.45
N LYS A 401 -18.60 18.73 38.76
CA LYS A 401 -17.54 19.72 38.68
C LYS A 401 -16.89 19.70 37.30
N SER A 402 -16.01 20.66 37.07
CA SER A 402 -15.37 20.83 35.78
C SER A 402 -14.11 19.98 35.67
N LEU A 403 -13.71 19.67 34.44
CA LEU A 403 -12.46 18.96 34.21
C LEU A 403 -11.27 19.79 34.66
N TYR A 404 -11.34 21.11 34.45
CA TYR A 404 -10.32 22.02 34.98
C TYR A 404 -10.15 21.84 36.48
N TYR A 405 -11.26 21.59 37.18
CA TYR A 405 -11.21 21.43 38.63
C TYR A 405 -10.50 20.16 39.03
N TYR A 406 -10.75 19.05 38.33
CA TYR A 406 -10.12 17.79 38.68
C TYR A 406 -8.63 17.80 38.35
N ILE A 407 -8.26 18.37 37.20
CA ILE A 407 -6.85 18.52 36.88
C ILE A 407 -6.16 19.41 37.90
N GLN A 408 -6.89 20.40 38.41
CA GLN A 408 -6.33 21.30 39.42
C GLN A 408 -6.00 20.55 40.71
N GLN A 409 -6.90 19.67 41.15
CA GLN A 409 -6.75 18.99 42.42
C GLN A 409 -5.88 17.74 42.35
N ASP A 410 -5.56 17.25 41.14
CA ASP A 410 -4.77 16.03 41.00
C ASP A 410 -3.40 16.26 40.39
N THR A 411 -3.10 17.47 39.91
CA THR A 411 -1.79 17.80 39.39
C THR A 411 -1.34 19.14 39.96
N LYS A 412 -0.02 19.32 40.06
CA LYS A 412 0.55 20.52 40.65
C LYS A 412 1.74 20.97 39.83
N GLY A 413 2.18 22.21 40.10
CA GLY A 413 3.33 22.76 39.42
C GLY A 413 3.02 23.23 38.01
N ASP A 414 4.10 23.42 37.24
CA ASP A 414 3.92 23.79 35.84
C ASP A 414 3.27 22.68 35.04
N TYR A 415 3.46 21.43 35.47
CA TYR A 415 2.75 20.32 34.85
C TYR A 415 1.23 20.50 34.96
N GLN A 416 0.77 21.05 36.08
CA GLN A 416 -0.64 21.41 36.19
C GLN A 416 -0.98 22.56 35.25
N LYS A 417 -0.12 23.59 35.22
CA LYS A 417 -0.37 24.74 34.35
C LYS A 417 -0.50 24.32 32.88
N ALA A 418 0.40 23.44 32.43
CA ALA A 418 0.36 23.00 31.04
C ALA A 418 -0.94 22.30 30.71
N LEU A 419 -1.40 21.39 31.58
CA LEU A 419 -2.64 20.69 31.32
C LEU A 419 -3.85 21.61 31.41
N LEU A 420 -3.80 22.60 32.30
CA LEU A 420 -4.92 23.55 32.40
C LEU A 420 -5.01 24.42 31.15
N TYR A 421 -3.86 24.80 30.58
CA TYR A 421 -3.88 25.56 29.33
C TYR A 421 -4.49 24.74 28.21
N LEU A 422 -4.25 23.43 28.20
CA LEU A 422 -4.84 22.57 27.19
C LEU A 422 -6.33 22.33 27.43
N CYS A 423 -6.80 22.52 28.67
CA CYS A 423 -8.22 22.34 28.95
C CYS A 423 -9.04 23.50 28.40
N GLY A 424 -8.69 24.73 28.78
CA GLY A 424 -9.36 25.90 28.26
C GLY A 424 -10.29 26.58 29.25
N GLY A 425 -10.00 26.43 30.54
CA GLY A 425 -10.80 27.05 31.58
C GLY A 425 -11.77 26.06 32.21
N ASP A 426 -12.40 26.51 33.28
CA ASP A 426 -13.36 25.70 34.02
C ASP A 426 -14.77 25.96 33.50
N ASP A 427 -15.53 24.88 33.30
CA ASP A 427 -16.85 24.95 32.70
C ASP A 427 -17.91 25.34 33.72
N PHE B 8 12.85 -33.01 -8.22
CA PHE B 8 13.54 -32.59 -7.02
C PHE B 8 13.54 -33.70 -5.96
N THR B 9 14.66 -33.84 -5.27
CA THR B 9 14.78 -34.83 -4.20
C THR B 9 15.90 -34.41 -3.27
N ARG B 10 15.84 -34.92 -2.04
CA ARG B 10 16.81 -34.56 -1.00
C ARG B 10 17.89 -35.62 -0.78
N ASN B 11 17.77 -36.78 -1.42
CA ASN B 11 18.75 -37.84 -1.27
C ASN B 11 19.52 -38.04 -2.57
N PRO B 12 20.85 -38.13 -2.52
CA PRO B 12 21.63 -38.32 -3.76
C PRO B 12 21.32 -39.62 -4.47
N SER B 13 20.78 -40.62 -3.77
CA SER B 13 20.46 -41.89 -4.40
C SER B 13 19.26 -41.81 -5.32
N GLU B 14 18.54 -40.69 -5.35
CA GLU B 14 17.38 -40.51 -6.20
C GLU B 14 17.68 -39.69 -7.45
N LEU B 15 18.90 -39.19 -7.59
CA LEU B 15 19.29 -38.45 -8.79
C LEU B 15 19.81 -39.42 -9.84
N LYS B 16 19.52 -39.11 -11.12
CA LYS B 16 19.86 -39.99 -12.23
C LYS B 16 21.00 -39.46 -13.08
N GLY B 17 21.65 -38.37 -12.64
CA GLY B 17 22.73 -37.77 -13.40
C GLY B 17 24.11 -38.23 -12.93
N LYS B 18 25.12 -37.77 -13.67
CA LYS B 18 26.49 -38.07 -13.34
C LYS B 18 26.98 -37.19 -12.20
N PHE B 19 27.87 -37.72 -11.38
CA PHE B 19 28.40 -37.03 -10.22
C PHE B 19 29.85 -36.64 -10.47
N ILE B 20 30.17 -35.37 -10.23
CA ILE B 20 31.53 -34.85 -10.37
C ILE B 20 31.95 -34.25 -9.03
N HIS B 21 33.24 -34.40 -8.71
CA HIS B 21 33.80 -33.90 -7.47
C HIS B 21 34.98 -33.00 -7.79
N THR B 22 34.98 -31.79 -7.22
CA THR B 22 36.04 -30.83 -7.46
C THR B 22 36.43 -30.16 -6.16
N LYS B 23 37.68 -29.68 -6.12
CA LYS B 23 38.21 -28.97 -4.96
C LYS B 23 38.62 -27.57 -5.39
N LEU B 24 37.98 -26.56 -4.82
CA LEU B 24 38.21 -25.17 -5.19
C LEU B 24 38.70 -24.39 -3.99
N ARG B 25 39.78 -23.64 -4.19
CA ARG B 25 40.31 -22.74 -3.16
C ARG B 25 39.87 -21.32 -3.47
N LYS B 26 39.33 -20.63 -2.47
CA LYS B 26 38.79 -19.30 -2.69
C LYS B 26 39.89 -18.28 -2.92
N SER B 27 39.69 -17.43 -3.92
CA SER B 27 40.61 -16.33 -4.22
C SER B 27 40.12 -15.07 -3.49
N SER B 28 40.60 -13.91 -3.90
CA SER B 28 40.18 -12.66 -3.27
C SER B 28 38.78 -12.26 -3.70
N ARG B 29 38.46 -12.43 -4.98
CA ARG B 29 37.12 -12.08 -5.47
C ARG B 29 36.06 -13.09 -5.05
N GLY B 30 36.48 -14.33 -4.74
CA GLY B 30 35.54 -15.36 -4.36
C GLY B 30 35.86 -16.69 -5.00
N PHE B 31 34.85 -17.52 -5.21
CA PHE B 31 35.05 -18.81 -5.88
C PHE B 31 34.93 -18.72 -7.39
N GLY B 32 34.15 -17.78 -7.90
CA GLY B 32 34.06 -17.56 -9.33
C GLY B 32 32.86 -18.18 -10.02
N PHE B 33 31.71 -18.26 -9.35
CA PHE B 33 30.52 -18.80 -9.99
C PHE B 33 29.29 -18.25 -9.26
N THR B 34 28.16 -18.27 -9.96
CA THR B 34 26.90 -17.74 -9.45
C THR B 34 25.96 -18.90 -9.15
N VAL B 35 25.34 -18.85 -7.97
CA VAL B 35 24.39 -19.87 -7.53
C VAL B 35 22.98 -19.34 -7.74
N VAL B 36 22.10 -20.19 -8.29
CA VAL B 36 20.70 -19.84 -8.52
C VAL B 36 19.84 -20.95 -7.95
N GLY B 37 18.57 -20.64 -7.76
CA GLY B 37 17.61 -21.58 -7.20
C GLY B 37 17.50 -21.45 -5.69
N GLY B 38 16.49 -22.11 -5.15
CA GLY B 38 16.22 -22.07 -3.73
C GLY B 38 15.08 -21.17 -3.32
N ASP B 39 14.46 -20.46 -4.28
CA ASP B 39 13.31 -19.63 -3.96
C ASP B 39 12.14 -20.49 -3.48
N GLU B 40 11.69 -21.41 -4.32
CA GLU B 40 10.71 -22.38 -3.91
C GLU B 40 11.36 -23.46 -3.04
N PRO B 41 10.63 -24.03 -2.08
CA PRO B 41 11.25 -25.03 -1.20
C PRO B 41 11.70 -26.30 -1.91
N ASP B 42 11.10 -26.64 -3.06
CA ASP B 42 11.49 -27.83 -3.78
C ASP B 42 12.22 -27.48 -5.07
N GLU B 43 13.24 -26.63 -4.98
CA GLU B 43 14.03 -26.23 -6.13
C GLU B 43 15.50 -26.47 -5.84
N PHE B 44 16.20 -27.11 -6.76
CA PHE B 44 17.61 -27.36 -6.61
C PHE B 44 18.40 -26.05 -6.60
N LEU B 45 19.61 -26.11 -6.05
CA LEU B 45 20.55 -24.99 -6.07
C LEU B 45 21.56 -25.29 -7.17
N GLN B 46 21.42 -24.59 -8.30
CA GLN B 46 22.18 -24.89 -9.50
C GLN B 46 23.12 -23.75 -9.85
N ILE B 47 24.15 -24.09 -10.62
CA ILE B 47 25.17 -23.12 -11.03
C ILE B 47 24.58 -22.25 -12.13
N LYS B 48 24.49 -20.94 -11.87
CA LYS B 48 23.90 -20.02 -12.83
C LYS B 48 24.87 -19.69 -13.96
N SER B 49 26.08 -19.23 -13.61
CA SER B 49 27.09 -18.88 -14.60
C SER B 49 28.46 -19.20 -14.04
N LEU B 50 29.49 -18.99 -14.86
CA LEU B 50 30.87 -19.26 -14.49
C LEU B 50 31.71 -18.02 -14.80
N VAL B 51 32.14 -17.33 -13.75
CA VAL B 51 33.01 -16.16 -13.92
C VAL B 51 34.36 -16.65 -14.41
N LEU B 52 34.69 -16.35 -15.67
CA LEU B 52 35.95 -16.79 -16.24
C LEU B 52 37.13 -16.18 -15.49
N ASP B 53 38.29 -16.83 -15.63
CA ASP B 53 39.50 -16.45 -14.90
C ASP B 53 39.29 -16.51 -13.38
N GLY B 54 38.40 -17.40 -12.94
CA GLY B 54 38.14 -17.58 -11.54
C GLY B 54 38.48 -18.98 -11.09
N PRO B 55 38.57 -19.20 -9.77
CA PRO B 55 38.92 -20.53 -9.27
C PRO B 55 37.95 -21.62 -9.70
N ALA B 56 36.69 -21.28 -9.96
CA ALA B 56 35.73 -22.30 -10.37
C ALA B 56 35.76 -22.52 -11.88
N ALA B 57 36.07 -21.49 -12.66
CA ALA B 57 36.13 -21.64 -14.11
C ALA B 57 37.47 -22.19 -14.59
N LEU B 58 38.56 -21.88 -13.88
CA LEU B 58 39.87 -22.41 -14.27
C LEU B 58 39.98 -23.90 -13.94
N ASP B 59 39.21 -24.38 -12.96
CA ASP B 59 39.25 -25.80 -12.63
C ASP B 59 38.65 -26.65 -13.76
N GLY B 60 37.65 -26.13 -14.45
CA GLY B 60 37.04 -26.84 -15.56
C GLY B 60 36.13 -27.98 -15.18
N LYS B 61 35.91 -28.23 -13.89
CA LYS B 61 35.05 -29.31 -13.43
C LYS B 61 33.64 -28.84 -13.09
N MET B 62 33.35 -27.56 -13.27
CA MET B 62 32.04 -26.99 -12.96
C MET B 62 31.44 -26.42 -14.23
N GLU B 63 30.17 -26.71 -14.48
CA GLU B 63 29.44 -26.23 -15.64
C GLU B 63 28.13 -25.59 -15.21
N THR B 64 27.51 -24.87 -16.14
CA THR B 64 26.26 -24.19 -15.85
C THR B 64 25.12 -25.19 -15.73
N GLY B 65 24.19 -24.92 -14.82
CA GLY B 65 23.05 -25.79 -14.60
C GLY B 65 23.33 -27.01 -13.75
N ASP B 66 24.49 -27.09 -13.12
CA ASP B 66 24.84 -28.25 -12.31
C ASP B 66 24.22 -28.14 -10.92
N VAL B 67 23.52 -29.18 -10.50
CA VAL B 67 22.88 -29.22 -9.19
C VAL B 67 23.96 -29.46 -8.13
N ILE B 68 23.92 -28.67 -7.07
CA ILE B 68 24.83 -28.85 -5.94
C ILE B 68 24.26 -29.91 -5.02
N VAL B 69 25.01 -30.99 -4.81
CA VAL B 69 24.56 -32.10 -3.99
C VAL B 69 25.14 -32.04 -2.58
N SER B 70 26.39 -31.62 -2.45
CA SER B 70 27.04 -31.55 -1.14
C SER B 70 28.12 -30.48 -1.18
N VAL B 71 28.33 -29.85 -0.02
CA VAL B 71 29.33 -28.80 0.14
C VAL B 71 30.13 -29.11 1.40
N ASN B 72 31.43 -29.36 1.22
CA ASN B 72 32.34 -29.67 2.33
C ASN B 72 31.81 -30.85 3.16
N ASP B 73 31.51 -31.94 2.47
CA ASP B 73 31.05 -33.20 3.05
C ASP B 73 29.70 -33.07 3.76
N THR B 74 28.99 -31.96 3.57
CA THR B 74 27.67 -31.76 4.15
C THR B 74 26.67 -31.60 3.01
N CYS B 75 25.69 -32.51 2.96
CA CYS B 75 24.71 -32.51 1.88
C CYS B 75 23.83 -31.28 1.97
N VAL B 76 23.63 -30.62 0.83
CA VAL B 76 22.80 -29.42 0.75
C VAL B 76 21.60 -29.62 -0.17
N LEU B 77 21.20 -30.87 -0.40
CA LEU B 77 20.00 -31.15 -1.18
C LEU B 77 18.77 -30.72 -0.37
N GLY B 78 18.04 -29.74 -0.89
CA GLY B 78 16.92 -29.18 -0.17
C GLY B 78 17.26 -27.98 0.70
N HIS B 79 18.53 -27.67 0.86
CA HIS B 79 18.92 -26.49 1.63
C HIS B 79 18.45 -25.22 0.93
N THR B 80 18.11 -24.22 1.74
CA THR B 80 17.68 -22.95 1.19
C THR B 80 18.86 -22.22 0.54
N HIS B 81 18.52 -21.24 -0.29
CA HIS B 81 19.56 -20.50 -1.02
C HIS B 81 20.45 -19.71 -0.07
N ALA B 82 19.88 -19.18 1.01
CA ALA B 82 20.65 -18.37 1.95
C ALA B 82 21.57 -19.21 2.83
N GLN B 83 21.31 -20.51 2.96
CA GLN B 83 22.14 -21.36 3.79
C GLN B 83 23.45 -21.73 3.09
N VAL B 84 23.37 -22.13 1.81
CA VAL B 84 24.56 -22.57 1.11
C VAL B 84 25.48 -21.41 0.76
N VAL B 85 24.96 -20.19 0.69
CA VAL B 85 25.82 -19.04 0.39
C VAL B 85 26.52 -18.54 1.64
N LYS B 86 25.91 -18.75 2.82
CA LYS B 86 26.61 -18.44 4.07
C LYS B 86 27.77 -19.40 4.29
N ILE B 87 27.67 -20.63 3.78
CA ILE B 87 28.77 -21.58 3.89
C ILE B 87 29.94 -21.15 3.01
N PHE B 88 29.64 -20.70 1.79
CA PHE B 88 30.70 -20.28 0.88
C PHE B 88 31.36 -18.99 1.36
N GLN B 89 30.58 -18.07 1.93
CA GLN B 89 31.13 -16.81 2.39
C GLN B 89 31.91 -16.96 3.70
N SER B 90 31.59 -17.97 4.50
CA SER B 90 32.32 -18.19 5.74
C SER B 90 33.69 -18.80 5.52
N ILE B 91 33.92 -19.38 4.35
CA ILE B 91 35.26 -19.94 4.05
C ILE B 91 36.25 -18.79 3.92
N PRO B 92 37.36 -18.82 4.66
CA PRO B 92 38.36 -17.75 4.52
C PRO B 92 39.08 -17.83 3.19
N ILE B 93 39.82 -16.77 2.88
CA ILE B 93 40.58 -16.72 1.64
C ILE B 93 41.77 -17.67 1.74
N GLY B 94 41.83 -18.64 0.82
CA GLY B 94 42.88 -19.62 0.79
C GLY B 94 42.48 -21.00 1.26
N ALA B 95 41.34 -21.12 1.96
CA ALA B 95 40.87 -22.42 2.42
C ALA B 95 40.12 -23.13 1.30
N SER B 96 40.41 -24.42 1.14
CA SER B 96 39.83 -25.20 0.06
C SER B 96 38.45 -25.72 0.44
N VAL B 97 37.53 -25.67 -0.52
CA VAL B 97 36.18 -26.18 -0.34
C VAL B 97 35.99 -27.36 -1.29
N ASP B 98 35.11 -28.28 -0.90
CA ASP B 98 34.79 -29.45 -1.71
C ASP B 98 33.36 -29.32 -2.22
N LEU B 99 33.18 -29.62 -3.51
CA LEU B 99 31.88 -29.46 -4.16
C LEU B 99 31.57 -30.71 -4.97
N GLU B 100 30.51 -31.42 -4.58
CA GLU B 100 30.00 -32.56 -5.34
C GLU B 100 28.81 -32.08 -6.16
N LEU B 101 28.96 -32.07 -7.48
CA LEU B 101 27.95 -31.55 -8.39
C LEU B 101 27.33 -32.70 -9.18
N CYS B 102 26.15 -32.41 -9.73
CA CYS B 102 25.41 -33.37 -10.56
C CYS B 102 25.12 -32.73 -11.91
N ARG B 103 25.38 -33.47 -12.98
CA ARG B 103 25.23 -32.96 -14.34
C ARG B 103 24.04 -33.62 -15.02
N GLY B 104 23.30 -32.82 -15.80
CA GLY B 104 22.18 -33.34 -16.56
C GLY B 104 20.84 -32.71 -16.21
N TYR B 105 20.88 -31.60 -15.46
CA TYR B 105 19.64 -30.97 -15.05
C TYR B 105 19.35 -29.73 -15.90
N PRO B 106 18.07 -29.39 -16.09
CA PRO B 106 17.73 -28.19 -16.87
C PRO B 106 18.21 -26.90 -16.22
N LEU B 107 18.02 -25.78 -16.91
CA LEU B 107 18.47 -24.49 -16.39
C LEU B 107 17.62 -24.08 -15.19
N GLY B 108 18.25 -23.31 -14.29
CA GLY B 108 17.54 -22.85 -13.11
C GLY B 108 16.49 -21.81 -13.44
N SER B 109 16.87 -20.77 -14.19
CA SER B 109 15.91 -19.76 -14.61
C SER B 109 14.89 -20.36 -15.57
N SER B 110 13.62 -19.98 -15.38
CA SER B 110 12.51 -20.49 -16.17
C SER B 110 12.44 -22.02 -16.08
N ALA B 111 12.17 -22.50 -14.87
CA ALA B 111 12.09 -23.94 -14.63
C ALA B 111 10.94 -24.57 -15.41
N TYR B 112 9.85 -23.83 -15.62
CA TYR B 112 8.71 -24.32 -16.38
C TYR B 112 8.47 -23.52 -17.65
N GLY B 113 9.47 -22.76 -18.10
CA GLY B 113 9.34 -22.04 -19.34
C GLY B 113 9.66 -22.89 -20.55
N SER B 114 9.09 -22.50 -21.69
CA SER B 114 9.30 -23.25 -22.93
C SER B 114 10.62 -22.87 -23.58
N VAL B 115 10.86 -21.57 -23.78
CA VAL B 115 12.10 -21.11 -24.39
C VAL B 115 13.16 -20.99 -23.31
N LYS B 116 14.26 -21.72 -23.47
CA LYS B 116 15.36 -21.70 -22.54
C LYS B 116 16.43 -20.70 -23.01
N ALA B 117 17.48 -20.56 -22.22
CA ALA B 117 18.60 -19.72 -22.60
C ALA B 117 19.53 -20.50 -23.52
N TYR B 118 19.89 -19.89 -24.64
CA TYR B 118 20.77 -20.54 -25.60
C TYR B 118 22.14 -20.77 -24.98
N THR B 119 22.62 -22.02 -25.05
CA THR B 119 23.87 -22.38 -24.39
C THR B 119 25.06 -21.69 -25.05
N ASN B 120 25.32 -22.01 -26.32
CA ASN B 120 26.45 -21.44 -27.05
C ASN B 120 26.10 -20.03 -27.56
N PHE B 121 25.79 -19.16 -26.61
CA PHE B 121 25.30 -17.82 -26.94
C PHE B 121 26.46 -16.88 -27.23
N ASP B 122 26.24 -15.99 -28.20
CA ASP B 122 27.21 -14.96 -28.56
C ASP B 122 26.41 -13.76 -29.06
N ALA B 123 26.23 -12.76 -28.20
CA ALA B 123 25.39 -11.62 -28.55
C ALA B 123 25.94 -10.85 -29.74
N GLU B 124 27.26 -10.84 -29.91
CA GLU B 124 27.85 -10.13 -31.04
C GLU B 124 27.52 -10.83 -32.35
N ARG B 125 27.59 -12.17 -32.38
CA ARG B 125 27.27 -12.91 -33.58
C ARG B 125 25.78 -12.84 -33.91
N ASP B 126 24.93 -12.82 -32.89
CA ASP B 126 23.48 -12.72 -33.14
C ASP B 126 23.12 -11.34 -33.67
N ALA B 127 23.69 -10.28 -33.09
CA ALA B 127 23.43 -8.94 -33.59
C ALA B 127 23.92 -8.76 -35.03
N LEU B 128 25.03 -9.43 -35.38
CA LEU B 128 25.51 -9.37 -36.76
C LEU B 128 24.56 -10.09 -37.71
N ASN B 129 24.10 -11.28 -37.33
CA ASN B 129 23.20 -12.03 -38.18
C ASN B 129 21.84 -11.36 -38.31
N ILE B 130 21.43 -10.60 -37.29
CA ILE B 130 20.17 -9.87 -37.37
C ILE B 130 20.34 -8.61 -38.21
N GLU B 131 21.47 -7.92 -38.07
CA GLU B 131 21.76 -6.77 -38.92
C GLU B 131 21.79 -7.18 -40.39
N THR B 132 22.47 -8.28 -40.69
CA THR B 132 22.53 -8.76 -42.06
C THR B 132 21.14 -9.16 -42.57
N ALA B 133 20.34 -9.80 -41.71
CA ALA B 133 18.99 -10.19 -42.11
C ALA B 133 18.12 -8.95 -42.39
N ILE B 134 18.33 -7.88 -41.63
CA ILE B 134 17.57 -6.65 -41.86
C ILE B 134 18.02 -6.00 -43.16
N LYS B 135 19.33 -5.84 -43.34
CA LYS B 135 19.87 -5.22 -44.54
C LYS B 135 19.72 -6.08 -45.79
N THR B 136 19.33 -7.35 -45.64
CA THR B 136 19.16 -8.22 -46.79
C THR B 136 18.01 -7.74 -47.66
N LYS B 137 18.19 -7.84 -48.98
CA LYS B 137 17.15 -7.42 -49.91
C LYS B 137 15.91 -8.27 -49.76
N GLY B 138 14.79 -7.64 -49.42
CA GLY B 138 13.54 -8.33 -49.21
C GLY B 138 13.24 -8.69 -47.77
N VAL B 139 14.13 -8.36 -46.84
CA VAL B 139 13.98 -8.63 -45.41
C VAL B 139 13.95 -10.12 -45.14
N ASP B 140 15.02 -10.63 -44.52
CA ASP B 140 15.11 -12.05 -44.15
C ASP B 140 14.40 -12.24 -42.82
N GLU B 141 13.09 -12.45 -42.87
CA GLU B 141 12.32 -12.62 -41.65
C GLU B 141 12.63 -13.95 -40.96
N VAL B 142 13.00 -14.97 -41.74
CA VAL B 142 13.23 -16.30 -41.17
C VAL B 142 14.41 -16.28 -40.20
N THR B 143 15.49 -15.58 -40.57
CA THR B 143 16.65 -15.52 -39.68
C THR B 143 16.34 -14.71 -38.43
N ILE B 144 15.55 -13.65 -38.56
CA ILE B 144 15.21 -12.83 -37.40
C ILE B 144 14.32 -13.63 -36.44
N VAL B 145 13.39 -14.42 -36.97
CA VAL B 145 12.53 -15.22 -36.11
C VAL B 145 13.31 -16.37 -35.48
N ASN B 146 14.17 -17.02 -36.26
CA ASN B 146 14.90 -18.18 -35.76
C ASN B 146 15.87 -17.83 -34.63
N ILE B 147 16.26 -16.56 -34.51
CA ILE B 147 17.21 -16.16 -33.47
C ILE B 147 16.48 -15.65 -32.24
N LEU B 148 15.63 -14.63 -32.42
CA LEU B 148 15.02 -13.98 -31.27
C LEU B 148 14.08 -14.91 -30.50
N THR B 149 13.40 -15.82 -31.20
CA THR B 149 12.49 -16.74 -30.53
C THR B 149 13.20 -17.93 -29.91
N ASN B 150 14.52 -18.05 -30.08
CA ASN B 150 15.29 -19.11 -29.45
C ASN B 150 16.31 -18.57 -28.45
N ARG B 151 16.22 -17.28 -28.11
CA ARG B 151 17.03 -16.69 -27.06
C ARG B 151 16.14 -16.28 -25.90
N SER B 152 16.69 -16.33 -24.70
CA SER B 152 15.94 -15.88 -23.53
C SER B 152 15.77 -14.37 -23.58
N ASN B 153 14.92 -13.86 -22.68
CA ASN B 153 14.68 -12.42 -22.63
C ASN B 153 15.95 -11.66 -22.27
N GLU B 154 16.74 -12.21 -21.34
CA GLU B 154 18.00 -11.58 -20.99
C GLU B 154 18.96 -11.58 -22.17
N GLN B 155 19.02 -12.70 -22.90
CA GLN B 155 19.85 -12.75 -24.10
C GLN B 155 19.36 -11.79 -25.18
N ARG B 156 18.05 -11.58 -25.26
CA ARG B 156 17.53 -10.60 -26.21
C ARG B 156 17.94 -9.18 -25.82
N GLN B 157 18.10 -8.91 -24.52
CA GLN B 157 18.58 -7.59 -24.10
C GLN B 157 20.03 -7.40 -24.48
N ASP B 158 20.85 -8.45 -24.34
CA ASP B 158 22.25 -8.35 -24.75
C ASP B 158 22.38 -8.17 -26.26
N ILE B 159 21.49 -8.78 -27.03
CA ILE B 159 21.52 -8.60 -28.48
C ILE B 159 21.16 -7.16 -28.85
N ALA B 160 20.15 -6.60 -28.19
CA ALA B 160 19.78 -5.21 -28.44
C ALA B 160 20.93 -4.27 -28.09
N PHE B 161 21.65 -4.56 -27.00
CA PHE B 161 22.80 -3.75 -26.64
C PHE B 161 23.96 -3.99 -27.60
N ALA B 162 24.17 -5.24 -28.01
CA ALA B 162 25.22 -5.52 -28.99
C ALA B 162 24.88 -4.95 -30.34
N TYR B 163 23.60 -5.03 -30.75
CA TYR B 163 23.18 -4.40 -31.99
C TYR B 163 23.33 -2.89 -31.92
N GLN B 164 23.15 -2.30 -30.74
CA GLN B 164 23.30 -0.86 -30.60
C GLN B 164 24.75 -0.43 -30.70
N ARG B 165 25.67 -1.20 -30.12
CA ARG B 165 27.07 -0.81 -30.16
C ARG B 165 27.67 -1.02 -31.55
N ARG B 166 27.12 -1.94 -32.33
CA ARG B 166 27.65 -2.20 -33.67
C ARG B 166 27.14 -1.19 -34.69
N THR B 167 25.85 -0.87 -34.64
CA THR B 167 25.23 -0.02 -35.65
C THR B 167 24.88 1.37 -35.16
N LYS B 168 25.01 1.65 -33.85
CA LYS B 168 24.60 2.92 -33.26
C LYS B 168 23.13 3.22 -33.54
N LYS B 169 22.33 2.16 -33.66
CA LYS B 169 20.90 2.24 -33.83
C LYS B 169 20.28 1.14 -32.97
N GLU B 170 19.18 1.47 -32.28
CA GLU B 170 18.55 0.49 -31.42
C GLU B 170 17.74 -0.51 -32.24
N LEU B 171 17.84 -1.78 -31.85
CA LEU B 171 17.22 -2.86 -32.62
C LEU B 171 15.71 -2.72 -32.70
N ALA B 172 15.08 -2.16 -31.66
CA ALA B 172 13.63 -1.99 -31.68
C ALA B 172 13.18 -1.11 -32.83
N SER B 173 13.88 0.01 -33.05
CA SER B 173 13.52 0.90 -34.16
C SER B 173 13.82 0.26 -35.51
N ALA B 174 14.87 -0.57 -35.59
CA ALA B 174 15.23 -1.17 -36.87
C ALA B 174 14.26 -2.28 -37.26
N LEU B 175 13.85 -3.10 -36.29
CA LEU B 175 12.90 -4.17 -36.60
C LEU B 175 11.50 -3.66 -36.85
N LYS B 176 11.15 -2.48 -36.32
CA LYS B 176 9.83 -1.91 -36.57
C LYS B 176 9.71 -1.43 -38.02
N SER B 177 10.82 -0.98 -38.61
CA SER B 177 10.82 -0.53 -39.99
C SER B 177 11.00 -1.67 -40.99
N ALA B 178 11.29 -2.88 -40.52
CA ALA B 178 11.52 -4.02 -41.40
C ALA B 178 10.44 -5.08 -41.32
N LEU B 179 9.55 -5.01 -40.33
CA LEU B 179 8.48 -5.99 -40.16
C LEU B 179 7.13 -5.28 -40.28
N SER B 180 6.07 -6.08 -40.20
CA SER B 180 4.70 -5.54 -40.30
C SER B 180 3.74 -6.60 -39.77
N GLY B 181 2.51 -6.16 -39.52
CA GLY B 181 1.45 -7.08 -39.15
C GLY B 181 1.66 -7.71 -37.78
N HIS B 182 1.15 -8.95 -37.65
CA HIS B 182 1.22 -9.66 -36.38
C HIS B 182 2.66 -10.01 -36.00
N LEU B 183 3.50 -10.31 -37.00
CA LEU B 183 4.89 -10.63 -36.70
C LEU B 183 5.61 -9.45 -36.05
N GLU B 184 5.33 -8.24 -36.53
CA GLU B 184 5.90 -7.05 -35.91
C GLU B 184 5.49 -6.96 -34.45
N THR B 185 4.25 -7.33 -34.13
CA THR B 185 3.79 -7.30 -32.74
C THR B 185 4.51 -8.34 -31.90
N VAL B 186 4.70 -9.55 -32.45
CA VAL B 186 5.33 -10.62 -31.69
C VAL B 186 6.79 -10.28 -31.41
N ILE B 187 7.52 -9.83 -32.43
CA ILE B 187 8.96 -9.60 -32.27
C ILE B 187 9.20 -8.44 -31.32
N LEU B 188 8.51 -7.31 -31.54
CA LEU B 188 8.70 -6.15 -30.67
C LEU B 188 8.31 -6.46 -29.23
N GLY B 189 7.33 -7.35 -29.03
CA GLY B 189 6.98 -7.75 -27.68
C GLY B 189 8.08 -8.57 -27.02
N LEU B 190 8.72 -9.46 -27.80
CA LEU B 190 9.82 -10.25 -27.27
C LEU B 190 11.05 -9.40 -26.94
N LEU B 191 11.19 -8.23 -27.56
CA LEU B 191 12.34 -7.39 -27.29
C LEU B 191 12.23 -6.70 -25.93
N LYS B 192 11.01 -6.39 -25.50
CA LYS B 192 10.82 -5.75 -24.21
C LYS B 192 11.03 -6.75 -23.08
N THR B 193 11.52 -6.24 -21.94
CA THR B 193 11.58 -7.05 -20.74
C THR B 193 10.17 -7.33 -20.24
N PRO B 194 9.99 -8.41 -19.46
CA PRO B 194 8.65 -8.72 -18.95
C PRO B 194 7.98 -7.57 -18.21
N ALA B 195 8.77 -6.75 -17.51
CA ALA B 195 8.20 -5.58 -16.84
C ALA B 195 7.82 -4.50 -17.86
N GLN B 196 8.72 -4.20 -18.79
CA GLN B 196 8.43 -3.21 -19.83
C GLN B 196 7.28 -3.67 -20.71
N TYR B 197 7.21 -4.96 -21.02
CA TYR B 197 6.17 -5.47 -21.90
C TYR B 197 4.80 -5.38 -21.23
N ASP B 198 4.70 -5.85 -19.98
CA ASP B 198 3.43 -5.80 -19.27
C ASP B 198 2.98 -4.36 -19.06
N ALA B 199 3.92 -3.46 -18.74
CA ALA B 199 3.56 -2.07 -18.51
C ALA B 199 3.05 -1.41 -19.80
N SER B 200 3.65 -1.76 -20.93
CA SER B 200 3.20 -1.18 -22.20
C SER B 200 1.82 -1.69 -22.59
N GLU B 201 1.55 -2.97 -22.34
CA GLU B 201 0.23 -3.51 -22.63
C GLU B 201 -0.85 -2.86 -21.78
N LEU B 202 -0.50 -2.44 -20.55
CA LEU B 202 -1.47 -1.78 -19.69
C LEU B 202 -1.81 -0.38 -20.20
N LYS B 203 -0.78 0.37 -20.64
CA LYS B 203 -1.03 1.71 -21.17
C LYS B 203 -1.82 1.66 -22.47
N ALA B 204 -1.55 0.65 -23.30
CA ALA B 204 -2.29 0.52 -24.56
C ALA B 204 -3.76 0.21 -24.31
N SER B 205 -4.06 -0.58 -23.28
CA SER B 205 -5.44 -0.86 -22.91
C SER B 205 -6.17 0.35 -22.38
N MET B 206 -5.45 1.42 -22.04
CA MET B 206 -6.05 2.64 -21.50
C MET B 206 -5.87 3.75 -22.54
N LYS B 207 -6.79 3.77 -23.52
CA LYS B 207 -6.85 4.83 -24.51
C LYS B 207 -7.94 5.85 -24.19
N GLY B 208 -8.22 6.06 -22.93
CA GLY B 208 -9.29 6.96 -22.51
C GLY B 208 -10.64 6.24 -22.47
N LEU B 209 -11.61 6.75 -23.22
CA LEU B 209 -12.91 6.10 -23.29
C LEU B 209 -12.83 4.77 -24.04
N GLY B 210 -11.95 4.67 -25.03
CA GLY B 210 -11.77 3.44 -25.76
C GLY B 210 -10.87 2.47 -25.04
N THR B 211 -11.30 2.01 -23.86
CA THR B 211 -10.51 1.13 -23.03
C THR B 211 -10.89 -0.32 -23.27
N ASP B 212 -9.89 -1.19 -23.21
CA ASP B 212 -10.08 -2.64 -23.35
C ASP B 212 -9.98 -3.26 -21.96
N GLU B 213 -11.14 -3.46 -21.33
CA GLU B 213 -11.17 -4.05 -19.99
C GLU B 213 -10.69 -5.49 -19.97
N ASP B 214 -10.80 -6.20 -21.09
CA ASP B 214 -10.41 -7.61 -21.12
C ASP B 214 -8.91 -7.77 -20.96
N SER B 215 -8.12 -6.89 -21.58
CA SER B 215 -6.67 -7.00 -21.48
C SER B 215 -6.17 -6.56 -20.11
N LEU B 216 -6.84 -5.57 -19.50
CA LEU B 216 -6.42 -5.09 -18.18
C LEU B 216 -6.63 -6.16 -17.11
N ILE B 217 -7.76 -6.88 -17.19
CA ILE B 217 -8.06 -7.89 -16.19
C ILE B 217 -7.08 -9.05 -16.28
N GLU B 218 -6.64 -9.38 -17.50
CA GLU B 218 -5.72 -10.51 -17.68
C GLU B 218 -4.40 -10.27 -16.96
N ILE B 219 -3.88 -9.06 -17.04
CA ILE B 219 -2.54 -8.79 -16.50
C ILE B 219 -2.60 -8.62 -14.98
N ILE B 220 -3.55 -7.83 -14.49
CA ILE B 220 -3.59 -7.52 -13.07
C ILE B 220 -3.95 -8.75 -12.24
N CYS B 221 -4.77 -9.64 -12.79
CA CYS B 221 -5.21 -10.81 -12.02
C CYS B 221 -4.21 -11.95 -12.02
N SER B 222 -3.26 -11.97 -12.97
CA SER B 222 -2.34 -13.09 -13.10
C SER B 222 -0.92 -12.81 -12.62
N ARG B 223 -0.57 -11.54 -12.40
CA ARG B 223 0.80 -11.19 -12.01
C ARG B 223 0.96 -11.30 -10.51
N THR B 224 2.13 -11.79 -10.08
CA THR B 224 2.42 -11.97 -8.68
C THR B 224 2.87 -10.65 -8.05
N ASN B 225 3.16 -10.69 -6.74
CA ASN B 225 3.60 -9.49 -6.05
C ASN B 225 4.92 -8.98 -6.60
N GLN B 226 5.84 -9.89 -6.92
CA GLN B 226 7.14 -9.47 -7.44
C GLN B 226 7.01 -8.84 -8.82
N GLU B 227 6.15 -9.40 -9.67
CA GLU B 227 5.97 -8.85 -11.00
C GLU B 227 5.30 -7.47 -10.94
N LEU B 228 4.24 -7.35 -10.13
CA LEU B 228 3.53 -6.07 -10.04
C LEU B 228 4.42 -4.98 -9.43
N GLN B 229 5.28 -5.35 -8.47
CA GLN B 229 6.19 -4.38 -7.90
C GLN B 229 7.14 -3.82 -8.95
N GLU B 230 7.65 -4.68 -9.84
CA GLU B 230 8.52 -4.21 -10.91
C GLU B 230 7.74 -3.48 -12.00
N ILE B 231 6.49 -3.89 -12.25
CA ILE B 231 5.68 -3.22 -13.26
C ILE B 231 5.38 -1.80 -12.83
N ASN B 232 4.98 -1.61 -11.57
CA ASN B 232 4.66 -0.28 -11.07
C ASN B 232 5.85 0.67 -11.19
N ARG B 233 7.07 0.15 -10.96
CA ARG B 233 8.26 0.98 -11.07
C ARG B 233 8.57 1.31 -12.53
N VAL B 234 8.47 0.30 -13.42
CA VAL B 234 8.75 0.54 -14.83
C VAL B 234 7.66 1.41 -15.46
N TYR B 235 6.41 1.21 -15.03
CA TYR B 235 5.32 2.04 -15.56
C TYR B 235 5.54 3.51 -15.22
N LYS B 236 6.01 3.80 -14.01
CA LYS B 236 6.35 5.18 -13.66
C LYS B 236 7.66 5.62 -14.31
N GLU B 237 8.52 4.68 -14.68
CA GLU B 237 9.76 5.03 -15.37
C GLU B 237 9.57 5.21 -16.88
N MET B 238 8.49 4.69 -17.44
CA MET B 238 8.23 4.82 -18.87
C MET B 238 7.26 5.95 -19.20
N TYR B 239 6.33 6.27 -18.31
CA TYR B 239 5.30 7.25 -18.59
C TYR B 239 5.21 8.36 -17.55
N LYS B 240 6.00 8.29 -16.48
CA LYS B 240 6.03 9.32 -15.44
C LYS B 240 4.65 9.52 -14.80
N THR B 241 3.99 8.40 -14.51
CA THR B 241 2.67 8.44 -13.88
C THR B 241 2.43 7.12 -13.20
N ASP B 242 2.05 7.16 -11.92
CA ASP B 242 1.79 5.94 -11.18
C ASP B 242 0.64 5.16 -11.81
N LEU B 243 0.80 3.83 -11.87
CA LEU B 243 -0.19 2.98 -12.53
C LEU B 243 -1.56 3.11 -11.89
N GLU B 244 -1.62 3.36 -10.57
CA GLU B 244 -2.90 3.43 -9.89
C GLU B 244 -3.75 4.58 -10.42
N LYS B 245 -3.11 5.71 -10.77
CA LYS B 245 -3.86 6.87 -11.26
C LYS B 245 -4.55 6.55 -12.58
N ASP B 246 -3.82 5.95 -13.52
CA ASP B 246 -4.43 5.60 -14.81
C ASP B 246 -5.52 4.55 -14.65
N ILE B 247 -5.40 3.69 -13.64
CA ILE B 247 -6.46 2.72 -13.38
C ILE B 247 -7.72 3.41 -12.91
N ILE B 248 -7.58 4.39 -12.01
CA ILE B 248 -8.75 5.12 -11.50
C ILE B 248 -9.43 5.90 -12.61
N SER B 249 -8.66 6.40 -13.58
CA SER B 249 -9.23 7.23 -14.64
C SER B 249 -10.00 6.42 -15.67
N ASP B 250 -9.61 5.18 -15.92
CA ASP B 250 -10.27 4.33 -16.89
C ASP B 250 -11.22 3.32 -16.27
N THR B 251 -11.36 3.33 -14.95
CA THR B 251 -12.25 2.41 -14.24
C THR B 251 -13.14 3.19 -13.29
N SER B 252 -14.09 2.49 -12.67
CA SER B 252 -15.02 3.13 -11.74
C SER B 252 -15.71 2.05 -10.92
N GLY B 253 -16.35 2.49 -9.83
CA GLY B 253 -17.11 1.60 -9.00
C GLY B 253 -16.26 0.58 -8.24
N ASP B 254 -16.91 -0.51 -7.85
CA ASP B 254 -16.21 -1.59 -7.15
C ASP B 254 -15.17 -2.23 -8.06
N PHE B 255 -15.40 -2.22 -9.38
CA PHE B 255 -14.40 -2.74 -10.31
C PHE B 255 -13.09 -1.98 -10.18
N ARG B 256 -13.17 -0.65 -10.03
CA ARG B 256 -11.97 0.14 -9.82
C ARG B 256 -11.26 -0.27 -8.54
N LYS B 257 -12.02 -0.54 -7.47
CA LYS B 257 -11.41 -0.91 -6.20
C LYS B 257 -10.66 -2.23 -6.30
N LEU B 258 -11.27 -3.23 -6.93
CA LEU B 258 -10.62 -4.53 -7.07
C LEU B 258 -9.34 -4.43 -7.88
N MET B 259 -9.37 -3.69 -8.99
CA MET B 259 -8.18 -3.54 -9.81
C MET B 259 -7.08 -2.79 -9.05
N VAL B 260 -7.46 -1.74 -8.33
CA VAL B 260 -6.47 -0.99 -7.54
C VAL B 260 -5.89 -1.87 -6.43
N ALA B 261 -6.74 -2.65 -5.77
CA ALA B 261 -6.26 -3.53 -4.69
C ALA B 261 -5.32 -4.59 -5.23
N LEU B 262 -5.65 -5.19 -6.38
CA LEU B 262 -4.78 -6.19 -6.97
C LEU B 262 -3.49 -5.57 -7.50
N ALA B 263 -3.60 -4.41 -8.17
CA ALA B 263 -2.43 -3.77 -8.76
C ALA B 263 -1.45 -3.25 -7.70
N LYS B 264 -1.89 -3.15 -6.45
CA LYS B 264 -0.96 -2.75 -5.39
C LYS B 264 0.13 -3.79 -5.20
N GLY B 265 -0.12 -5.04 -5.56
CA GLY B 265 0.88 -6.08 -5.42
C GLY B 265 1.32 -6.32 -4.00
N ARG B 266 0.46 -6.05 -3.03
CA ARG B 266 0.78 -6.21 -1.62
C ARG B 266 0.06 -7.40 -1.00
N ARG B 267 -0.19 -8.44 -1.80
CA ARG B 267 -0.77 -9.66 -1.28
C ARG B 267 0.17 -10.29 -0.25
N ALA B 268 -0.41 -10.87 0.79
CA ALA B 268 0.39 -11.50 1.83
C ALA B 268 1.15 -12.70 1.27
N GLU B 269 2.44 -12.78 1.58
CA GLU B 269 3.24 -13.92 1.17
C GLU B 269 2.71 -15.20 1.80
N ASP B 270 2.99 -16.33 1.15
CA ASP B 270 2.55 -17.62 1.65
C ASP B 270 3.21 -17.93 2.98
N GLY B 271 2.41 -17.97 4.05
CA GLY B 271 2.95 -18.26 5.36
C GLY B 271 3.49 -19.66 5.47
N SER B 272 4.44 -19.82 6.40
CA SER B 272 5.07 -21.13 6.60
C SER B 272 4.08 -22.17 7.10
N VAL B 273 3.11 -21.77 7.91
CA VAL B 273 2.13 -22.68 8.46
C VAL B 273 0.78 -22.42 7.80
N ILE B 274 -0.06 -23.45 7.82
CA ILE B 274 -1.41 -23.37 7.26
C ILE B 274 -2.37 -22.92 8.36
N ASP B 275 -3.19 -21.93 8.06
CA ASP B 275 -4.13 -21.36 9.04
C ASP B 275 -5.52 -21.91 8.73
N TYR B 276 -5.76 -23.13 9.21
CA TYR B 276 -7.04 -23.80 8.97
C TYR B 276 -8.21 -23.02 9.55
N GLU B 277 -8.00 -22.35 10.68
CA GLU B 277 -9.07 -21.55 11.28
C GLU B 277 -9.44 -20.37 10.39
N LEU B 278 -8.43 -19.61 9.93
CA LEU B 278 -8.69 -18.51 9.02
C LEU B 278 -9.26 -19.00 7.70
N ILE B 279 -8.89 -20.22 7.28
CA ILE B 279 -9.46 -20.81 6.08
C ILE B 279 -10.97 -20.98 6.25
N ASP B 280 -11.38 -21.54 7.38
CA ASP B 280 -12.82 -21.72 7.64
C ASP B 280 -13.52 -20.36 7.71
N GLN B 281 -12.96 -19.42 8.46
CA GLN B 281 -13.62 -18.12 8.64
C GLN B 281 -13.74 -17.37 7.32
N ASP B 282 -12.72 -17.47 6.48
CA ASP B 282 -12.79 -16.80 5.17
C ASP B 282 -13.88 -17.42 4.30
N ALA B 283 -14.01 -18.75 4.34
CA ALA B 283 -15.08 -19.40 3.57
C ALA B 283 -16.45 -19.01 4.13
N ARG B 284 -16.56 -18.88 5.44
CA ARG B 284 -17.81 -18.39 6.04
C ARG B 284 -18.13 -16.99 5.55
N ASP B 285 -17.13 -16.10 5.57
CA ASP B 285 -17.37 -14.71 5.19
C ASP B 285 -17.74 -14.60 3.71
N LEU B 286 -17.08 -15.37 2.85
CA LEU B 286 -17.44 -15.35 1.44
C LEU B 286 -18.87 -15.85 1.22
N TYR B 287 -19.33 -16.76 2.07
CA TYR B 287 -20.71 -17.24 1.95
C TYR B 287 -21.70 -16.23 2.52
N ASP B 288 -21.42 -15.72 3.72
CA ASP B 288 -22.31 -14.75 4.34
C ASP B 288 -22.38 -13.46 3.54
N ALA B 289 -21.26 -13.04 2.95
CA ALA B 289 -21.23 -11.81 2.18
C ALA B 289 -21.77 -11.96 0.78
N GLY B 290 -22.13 -13.17 0.35
CA GLY B 290 -22.55 -13.39 -1.01
C GLY B 290 -23.86 -14.13 -1.15
N VAL B 291 -23.79 -15.46 -1.17
CA VAL B 291 -24.96 -16.27 -1.53
C VAL B 291 -25.99 -16.32 -0.40
N LYS B 292 -25.55 -16.27 0.86
CA LYS B 292 -26.50 -16.36 1.97
C LYS B 292 -27.44 -15.16 1.99
N ARG B 293 -26.90 -13.97 2.23
CA ARG B 293 -27.72 -12.77 2.28
C ARG B 293 -28.10 -12.32 0.88
N LYS B 294 -29.20 -11.59 0.79
CA LYS B 294 -29.59 -10.97 -0.47
C LYS B 294 -28.74 -9.73 -0.70
N GLY B 295 -28.22 -9.58 -1.91
CA GLY B 295 -27.21 -8.59 -2.16
C GLY B 295 -25.82 -9.17 -1.97
N THR B 296 -24.82 -8.29 -2.05
CA THR B 296 -23.43 -8.73 -1.98
C THR B 296 -22.60 -7.70 -1.22
N ASP B 297 -21.87 -8.18 -0.22
CA ASP B 297 -20.86 -7.36 0.47
C ASP B 297 -19.57 -7.43 -0.33
N VAL B 298 -19.52 -6.62 -1.39
CA VAL B 298 -18.37 -6.65 -2.30
C VAL B 298 -17.06 -6.31 -1.60
N PRO B 299 -16.98 -5.30 -0.73
CA PRO B 299 -15.70 -5.04 -0.05
C PRO B 299 -15.14 -6.23 0.70
N LYS B 300 -16.00 -7.09 1.26
CA LYS B 300 -15.51 -8.29 1.92
C LYS B 300 -14.90 -9.26 0.91
N TRP B 301 -15.52 -9.40 -0.26
CA TRP B 301 -14.95 -10.26 -1.30
C TRP B 301 -13.63 -9.68 -1.81
N ILE B 302 -13.57 -8.37 -2.03
CA ILE B 302 -12.34 -7.74 -2.50
C ILE B 302 -11.23 -7.91 -1.47
N SER B 303 -11.56 -7.77 -0.18
CA SER B 303 -10.55 -7.86 0.85
C SER B 303 -9.96 -9.27 0.93
N ILE B 304 -10.83 -10.29 0.98
CA ILE B 304 -10.35 -11.66 1.16
C ILE B 304 -9.55 -12.11 -0.06
N MET B 305 -10.02 -11.80 -1.26
CA MET B 305 -9.38 -12.30 -2.47
C MET B 305 -8.13 -11.52 -2.86
N THR B 306 -7.83 -10.41 -2.19
CA THR B 306 -6.64 -9.63 -2.50
C THR B 306 -5.60 -9.64 -1.39
N GLU B 307 -5.97 -9.98 -0.16
CA GLU B 307 -5.06 -9.96 0.97
C GLU B 307 -4.50 -11.33 1.32
N ARG B 308 -5.34 -12.37 1.35
CA ARG B 308 -4.85 -13.71 1.65
C ARG B 308 -3.92 -14.20 0.56
N SER B 309 -2.99 -15.08 0.93
CA SER B 309 -2.07 -15.66 -0.02
C SER B 309 -2.82 -16.57 -0.99
N VAL B 310 -2.16 -16.88 -2.11
CA VAL B 310 -2.79 -17.74 -3.13
C VAL B 310 -3.06 -19.15 -2.60
N PRO B 311 -2.10 -19.86 -2.00
CA PRO B 311 -2.42 -21.20 -1.48
C PRO B 311 -3.49 -21.19 -0.40
N HIS B 312 -3.56 -20.12 0.40
CA HIS B 312 -4.62 -19.99 1.38
C HIS B 312 -5.98 -19.89 0.70
N LEU B 313 -6.08 -19.02 -0.31
CA LEU B 313 -7.34 -18.84 -1.02
C LEU B 313 -7.74 -20.09 -1.79
N GLN B 314 -6.76 -20.91 -2.18
CA GLN B 314 -7.08 -22.18 -2.81
C GLN B 314 -7.82 -23.10 -1.86
N LYS B 315 -7.36 -23.20 -0.61
CA LYS B 315 -8.05 -24.02 0.39
C LYS B 315 -9.34 -23.37 0.86
N VAL B 316 -9.42 -22.04 0.81
CA VAL B 316 -10.65 -21.35 1.19
C VAL B 316 -11.75 -21.64 0.18
N PHE B 317 -11.42 -21.59 -1.12
CA PHE B 317 -12.41 -21.86 -2.15
C PHE B 317 -12.90 -23.30 -2.07
N ASP B 318 -12.06 -24.22 -1.58
CA ASP B 318 -12.50 -25.60 -1.40
C ASP B 318 -13.38 -25.73 -0.16
N ARG B 319 -13.05 -25.01 0.91
CA ARG B 319 -13.92 -24.99 2.09
C ARG B 319 -15.21 -24.23 1.82
N TYR B 320 -15.18 -23.29 0.87
CA TYR B 320 -16.39 -22.57 0.50
C TYR B 320 -17.47 -23.51 -0.02
N LYS B 321 -17.08 -24.62 -0.65
CA LYS B 321 -18.04 -25.59 -1.14
C LYS B 321 -18.81 -26.26 -0.01
N SER B 322 -18.24 -26.28 1.20
CA SER B 322 -18.93 -26.87 2.34
C SER B 322 -20.07 -26.02 2.86
N TYR B 323 -20.04 -24.70 2.59
CA TYR B 323 -21.10 -23.80 3.01
C TYR B 323 -22.06 -23.45 1.90
N SER B 324 -21.60 -23.40 0.65
CA SER B 324 -22.42 -22.89 -0.43
C SER B 324 -22.83 -23.99 -1.40
N PRO B 325 -24.09 -24.00 -1.85
CA PRO B 325 -24.49 -24.95 -2.90
C PRO B 325 -23.76 -24.73 -4.21
N TYR B 326 -23.27 -23.53 -4.47
CA TYR B 326 -22.49 -23.22 -5.65
C TYR B 326 -21.02 -23.07 -5.27
N ASP B 327 -20.14 -23.33 -6.24
CA ASP B 327 -18.71 -23.12 -6.02
C ASP B 327 -18.43 -21.62 -6.16
N MET B 328 -17.13 -21.25 -6.10
CA MET B 328 -16.79 -19.83 -6.11
C MET B 328 -17.12 -19.18 -7.44
N LEU B 329 -16.88 -19.89 -8.55
CA LEU B 329 -17.12 -19.31 -9.86
C LEU B 329 -18.61 -19.13 -10.13
N GLU B 330 -19.43 -20.14 -9.80
CA GLU B 330 -20.86 -20.02 -9.99
C GLU B 330 -21.47 -18.96 -9.08
N SER B 331 -20.94 -18.82 -7.87
CA SER B 331 -21.42 -17.77 -6.98
C SER B 331 -21.13 -16.38 -7.54
N ILE B 332 -19.97 -16.22 -8.17
CA ILE B 332 -19.62 -14.93 -8.76
C ILE B 332 -20.57 -14.59 -9.90
N ARG B 333 -20.91 -15.58 -10.73
CA ARG B 333 -21.81 -15.33 -11.86
C ARG B 333 -23.20 -14.92 -11.39
N LYS B 334 -23.60 -15.32 -10.19
CA LYS B 334 -24.94 -15.00 -9.69
C LYS B 334 -24.96 -13.73 -8.84
N GLU B 335 -23.91 -13.49 -8.06
CA GLU B 335 -23.91 -12.34 -7.17
C GLU B 335 -23.61 -11.04 -7.91
N VAL B 336 -22.61 -11.06 -8.80
CA VAL B 336 -22.19 -9.86 -9.51
C VAL B 336 -22.23 -10.13 -11.02
N LYS B 337 -22.29 -9.04 -11.79
CA LYS B 337 -22.28 -9.09 -13.24
C LYS B 337 -21.48 -7.91 -13.76
N GLY B 338 -21.20 -7.94 -15.07
CA GLY B 338 -20.47 -6.86 -15.71
C GLY B 338 -18.96 -7.01 -15.62
N ASP B 339 -18.24 -5.89 -15.58
CA ASP B 339 -16.78 -5.93 -15.51
C ASP B 339 -16.30 -6.44 -14.15
N LEU B 340 -17.08 -6.21 -13.09
CA LEU B 340 -16.70 -6.73 -11.79
C LEU B 340 -16.73 -8.26 -11.77
N GLU B 341 -17.74 -8.85 -12.40
CA GLU B 341 -17.82 -10.31 -12.50
C GLU B 341 -16.66 -10.86 -13.33
N ASN B 342 -16.33 -10.21 -14.45
CA ASN B 342 -15.26 -10.68 -15.30
C ASN B 342 -13.92 -10.66 -14.57
N ALA B 343 -13.68 -9.62 -13.77
CA ALA B 343 -12.45 -9.53 -13.01
C ALA B 343 -12.40 -10.61 -11.92
N PHE B 344 -13.53 -10.85 -11.25
CA PHE B 344 -13.56 -11.88 -10.22
C PHE B 344 -13.36 -13.27 -10.81
N LEU B 345 -14.00 -13.54 -11.95
CA LEU B 345 -13.84 -14.84 -12.59
C LEU B 345 -12.40 -15.09 -13.02
N ASN B 346 -11.76 -14.07 -13.60
CA ASN B 346 -10.35 -14.22 -13.98
C ASN B 346 -9.46 -14.39 -12.75
N LEU B 347 -9.71 -13.61 -11.71
CA LEU B 347 -8.86 -13.69 -10.51
C LEU B 347 -8.97 -15.06 -9.85
N VAL B 348 -10.18 -15.61 -9.76
CA VAL B 348 -10.36 -16.91 -9.13
C VAL B 348 -9.74 -18.01 -9.98
N GLN B 349 -9.81 -17.87 -11.31
CA GLN B 349 -9.15 -18.84 -12.19
C GLN B 349 -7.65 -18.79 -12.02
N CYS B 350 -7.08 -17.59 -11.89
CA CYS B 350 -5.64 -17.46 -11.69
C CYS B 350 -5.21 -18.03 -10.33
N ILE B 351 -6.10 -17.98 -9.34
CA ILE B 351 -5.75 -18.51 -8.02
C ILE B 351 -5.86 -20.03 -8.01
N GLN B 352 -6.89 -20.57 -8.64
CA GLN B 352 -7.11 -22.01 -8.61
C GLN B 352 -6.12 -22.75 -9.51
N ASN B 353 -5.95 -22.29 -10.75
CA ASN B 353 -5.02 -22.94 -11.68
C ASN B 353 -4.66 -21.90 -12.75
N LYS B 354 -3.55 -21.21 -12.54
CA LYS B 354 -3.10 -20.16 -13.45
C LYS B 354 -2.70 -20.75 -14.81
N PRO B 355 -1.96 -21.87 -14.88
CA PRO B 355 -1.72 -22.49 -16.19
C PRO B 355 -3.00 -22.86 -16.93
N LEU B 356 -3.98 -23.46 -16.24
CA LEU B 356 -5.25 -23.77 -16.88
C LEU B 356 -6.00 -22.50 -17.27
N TYR B 357 -5.80 -21.40 -16.53
CA TYR B 357 -6.41 -20.14 -16.90
C TYR B 357 -5.91 -19.68 -18.27
N PHE B 358 -4.59 -19.64 -18.46
CA PHE B 358 -4.03 -19.23 -19.74
C PHE B 358 -4.35 -20.25 -20.83
N ALA B 359 -4.41 -21.53 -20.49
CA ALA B 359 -4.81 -22.54 -21.47
C ALA B 359 -6.22 -22.26 -21.99
N ASP B 360 -7.14 -21.91 -21.11
CA ASP B 360 -8.50 -21.56 -21.54
C ASP B 360 -8.49 -20.29 -22.38
N ARG B 361 -7.71 -19.28 -21.98
CA ARG B 361 -7.64 -18.04 -22.73
C ARG B 361 -7.09 -18.27 -24.13
N LEU B 362 -6.07 -19.13 -24.25
CA LEU B 362 -5.54 -19.46 -25.57
C LEU B 362 -6.58 -20.16 -26.43
N TYR B 363 -7.34 -21.09 -25.83
CA TYR B 363 -8.34 -21.83 -26.60
C TYR B 363 -9.44 -20.91 -27.11
N ASP B 364 -9.82 -19.91 -26.32
CA ASP B 364 -10.90 -19.01 -26.74
C ASP B 364 -10.45 -18.07 -27.86
N SER B 365 -9.15 -17.76 -27.93
CA SER B 365 -8.67 -16.87 -28.98
C SER B 365 -8.67 -17.52 -30.35
N MET B 366 -8.60 -18.85 -30.42
CA MET B 366 -8.60 -19.58 -31.67
C MET B 366 -9.82 -20.48 -31.82
N LYS B 367 -10.89 -20.18 -31.07
CA LYS B 367 -12.00 -21.12 -30.97
C LYS B 367 -12.85 -21.15 -32.24
N GLY B 368 -13.18 -19.98 -32.79
CA GLY B 368 -14.08 -19.90 -33.92
C GLY B 368 -13.49 -19.11 -35.07
N LYS B 369 -14.36 -18.38 -35.76
CA LYS B 369 -13.94 -17.58 -36.91
C LYS B 369 -12.93 -16.52 -36.46
N GLY B 370 -11.87 -16.37 -37.24
CA GLY B 370 -10.86 -15.39 -36.96
C GLY B 370 -10.10 -15.66 -35.67
N THR B 371 -9.07 -14.86 -35.41
CA THR B 371 -8.23 -15.05 -34.24
C THR B 371 -8.09 -13.72 -33.51
N ARG B 372 -8.30 -13.76 -32.19
CA ARG B 372 -8.00 -12.61 -31.33
C ARG B 372 -6.50 -12.63 -31.06
N ASP B 373 -5.75 -12.07 -32.02
CA ASP B 373 -4.30 -12.17 -32.01
C ASP B 373 -3.68 -11.46 -30.81
N LYS B 374 -4.31 -10.38 -30.33
CA LYS B 374 -3.75 -9.63 -29.21
C LYS B 374 -3.67 -10.50 -27.95
N VAL B 375 -4.69 -11.33 -27.72
CA VAL B 375 -4.65 -12.24 -26.58
C VAL B 375 -3.66 -13.37 -26.83
N LEU B 376 -3.62 -13.87 -28.07
CA LEU B 376 -2.70 -14.96 -28.40
C LEU B 376 -1.25 -14.52 -28.27
N ILE B 377 -0.91 -13.37 -28.86
CA ILE B 377 0.47 -12.89 -28.83
C ILE B 377 0.90 -12.60 -27.39
N ARG B 378 0.05 -11.90 -26.63
CA ARG B 378 0.44 -11.50 -25.28
C ARG B 378 0.70 -12.72 -24.39
N ILE B 379 -0.11 -13.76 -24.53
CA ILE B 379 0.08 -14.95 -23.70
C ILE B 379 1.33 -15.71 -24.13
N MET B 380 1.51 -15.90 -25.44
CA MET B 380 2.68 -16.63 -25.92
C MET B 380 3.98 -15.89 -25.60
N VAL B 381 3.92 -14.56 -25.52
CA VAL B 381 5.12 -13.78 -25.25
C VAL B 381 5.39 -13.70 -23.74
N SER B 382 4.38 -13.30 -22.97
CA SER B 382 4.60 -13.05 -21.55
C SER B 382 4.83 -14.34 -20.77
N ARG B 383 4.23 -15.45 -21.20
CA ARG B 383 4.32 -16.70 -20.47
C ARG B 383 5.29 -17.69 -21.12
N SER B 384 6.13 -17.24 -22.04
CA SER B 384 7.05 -18.15 -22.71
C SER B 384 8.12 -18.66 -21.76
N GLU B 385 8.68 -17.78 -20.92
CA GLU B 385 9.72 -18.14 -19.98
C GLU B 385 9.21 -18.29 -18.56
N VAL B 386 7.90 -18.50 -18.39
CA VAL B 386 7.32 -18.61 -17.07
C VAL B 386 6.76 -20.01 -16.85
N ASP B 387 5.59 -20.29 -17.44
CA ASP B 387 4.91 -21.56 -17.21
C ASP B 387 4.31 -22.13 -18.49
N MET B 388 4.93 -21.84 -19.64
CA MET B 388 4.39 -22.34 -20.91
C MET B 388 4.32 -23.86 -20.94
N LEU B 389 5.24 -24.54 -20.24
CA LEU B 389 5.19 -25.99 -20.18
C LEU B 389 3.95 -26.48 -19.44
N LYS B 390 3.58 -25.80 -18.35
CA LYS B 390 2.38 -26.18 -17.63
C LYS B 390 1.13 -25.85 -18.44
N ILE B 391 1.12 -24.69 -19.12
CA ILE B 391 -0.02 -24.31 -19.94
C ILE B 391 -0.23 -25.33 -21.06
N ARG B 392 0.87 -25.78 -21.69
CA ARG B 392 0.77 -26.77 -22.74
C ARG B 392 0.21 -28.09 -22.22
N SER B 393 0.60 -28.47 -21.00
CA SER B 393 0.09 -29.71 -20.42
C SER B 393 -1.39 -29.61 -20.10
N GLU B 394 -1.81 -28.49 -19.49
CA GLU B 394 -3.23 -28.28 -19.20
C GLU B 394 -4.04 -28.22 -20.48
N PHE B 395 -3.48 -27.62 -21.53
CA PHE B 395 -4.21 -27.46 -22.78
C PHE B 395 -4.57 -28.81 -23.39
N LYS B 396 -3.55 -29.67 -23.59
CA LYS B 396 -3.81 -30.95 -24.25
C LYS B 396 -4.62 -31.89 -23.36
N ARG B 397 -4.42 -31.83 -22.04
CA ARG B 397 -5.20 -32.67 -21.13
C ARG B 397 -6.69 -32.37 -21.23
N LYS B 398 -7.05 -31.11 -21.46
CA LYS B 398 -8.44 -30.69 -21.50
C LYS B 398 -9.02 -30.74 -22.91
N TYR B 399 -8.26 -30.32 -23.91
CA TYR B 399 -8.77 -30.18 -25.27
C TYR B 399 -8.35 -31.32 -26.20
N GLY B 400 -7.60 -32.30 -25.71
CA GLY B 400 -7.25 -33.45 -26.52
C GLY B 400 -6.02 -33.22 -27.39
N LYS B 401 -6.08 -32.21 -28.26
CA LYS B 401 -4.96 -31.88 -29.12
C LYS B 401 -4.02 -30.91 -28.40
N SER B 402 -2.83 -30.76 -28.98
CA SER B 402 -1.80 -29.93 -28.36
C SER B 402 -2.04 -28.45 -28.64
N LEU B 403 -1.33 -27.61 -27.90
CA LEU B 403 -1.37 -26.17 -28.17
C LEU B 403 -0.68 -25.85 -29.50
N TYR B 404 0.45 -26.53 -29.77
CA TYR B 404 1.13 -26.36 -31.05
C TYR B 404 0.20 -26.60 -32.22
N TYR B 405 -0.72 -27.55 -32.07
CA TYR B 405 -1.63 -27.89 -33.17
C TYR B 405 -2.63 -26.78 -33.44
N TYR B 406 -3.28 -26.27 -32.39
CA TYR B 406 -4.28 -25.22 -32.58
C TYR B 406 -3.66 -23.95 -33.15
N ILE B 407 -2.43 -23.64 -32.74
CA ILE B 407 -1.74 -22.48 -33.31
C ILE B 407 -1.46 -22.69 -34.79
N GLN B 408 -1.17 -23.94 -35.19
CA GLN B 408 -0.88 -24.22 -36.59
C GLN B 408 -2.10 -24.06 -37.47
N GLN B 409 -3.29 -24.33 -36.95
CA GLN B 409 -4.49 -24.29 -37.77
C GLN B 409 -5.06 -22.88 -37.88
N ASP B 410 -4.85 -22.03 -36.87
CA ASP B 410 -5.46 -20.72 -36.85
C ASP B 410 -4.56 -19.61 -37.37
N THR B 411 -3.24 -19.82 -37.36
CA THR B 411 -2.28 -18.82 -37.81
C THR B 411 -1.49 -19.37 -38.99
N LYS B 412 -0.98 -18.45 -39.82
CA LYS B 412 -0.23 -18.82 -41.01
C LYS B 412 0.93 -17.84 -41.20
N GLY B 413 1.90 -18.26 -41.99
CA GLY B 413 3.02 -17.40 -42.35
C GLY B 413 4.15 -17.45 -41.33
N ASP B 414 5.03 -16.44 -41.43
CA ASP B 414 6.12 -16.31 -40.48
C ASP B 414 5.61 -15.97 -39.09
N TYR B 415 4.47 -15.29 -39.00
CA TYR B 415 3.83 -15.05 -37.72
C TYR B 415 3.50 -16.36 -37.01
N GLN B 416 3.07 -17.36 -37.77
CA GLN B 416 2.81 -18.67 -37.19
C GLN B 416 4.10 -19.29 -36.64
N LYS B 417 5.20 -19.19 -37.40
CA LYS B 417 6.44 -19.83 -37.00
C LYS B 417 6.98 -19.23 -35.70
N ALA B 418 6.82 -17.92 -35.52
CA ALA B 418 7.25 -17.30 -34.28
C ALA B 418 6.48 -17.83 -33.09
N LEU B 419 5.15 -17.96 -33.23
CA LEU B 419 4.35 -18.49 -32.14
C LEU B 419 4.64 -19.97 -31.89
N LEU B 420 4.86 -20.74 -32.97
CA LEU B 420 5.22 -22.14 -32.80
C LEU B 420 6.56 -22.29 -32.08
N TYR B 421 7.49 -21.36 -32.31
CA TYR B 421 8.76 -21.40 -31.60
C TYR B 421 8.57 -21.05 -30.12
N LEU B 422 7.68 -20.11 -29.83
CA LEU B 422 7.42 -19.75 -28.44
C LEU B 422 6.68 -20.85 -27.70
N CYS B 423 5.92 -21.68 -28.42
CA CYS B 423 5.25 -22.82 -27.78
C CYS B 423 6.27 -23.86 -27.34
N GLY B 424 7.13 -24.30 -28.25
CA GLY B 424 8.18 -25.23 -27.92
C GLY B 424 8.00 -26.65 -28.37
N GLY B 425 6.98 -26.94 -29.19
CA GLY B 425 6.79 -28.28 -29.70
C GLY B 425 5.41 -28.85 -29.45
N ASP B 426 5.06 -29.90 -30.20
CA ASP B 426 3.76 -30.55 -30.04
C ASP B 426 3.79 -31.52 -28.88
N ASP B 427 2.72 -31.52 -28.10
CA ASP B 427 2.63 -32.32 -26.88
C ASP B 427 1.97 -33.67 -27.16
N THR C 7 -16.31 17.34 -3.36
CA THR C 7 -17.53 17.60 -2.59
C THR C 7 -17.64 19.08 -2.25
N ARG C 8 -16.56 19.61 -1.67
CA ARG C 8 -16.49 21.06 -1.38
C ARG C 8 -15.96 21.74 -2.65
N ARG C 9 -16.58 22.84 -3.07
CA ARG C 9 -16.24 23.51 -4.32
C ARG C 9 -14.78 23.91 -4.35
N GLU C 10 -13.98 23.22 -5.18
CA GLU C 10 -12.55 23.45 -5.29
C GLU C 10 -12.18 23.63 -6.76
N THR C 11 -11.23 24.54 -7.02
CA THR C 11 -10.79 24.83 -8.40
C THR C 11 -9.27 24.88 -8.47
N GLU C 12 -8.67 24.15 -9.41
CA GLU C 12 -7.22 24.18 -9.64
C GLU C 12 -6.87 25.44 -10.40
N VAL C 13 -6.12 26.34 -9.76
CA VAL C 13 -5.76 27.60 -10.37
C VAL C 13 -4.27 27.62 -10.70
N GLU D 10 19.62 -15.36 -7.29
CA GLU D 10 20.95 -15.25 -7.85
C GLU D 10 21.89 -14.51 -6.90
N THR D 11 23.04 -15.12 -6.61
CA THR D 11 24.04 -14.54 -5.73
C THR D 11 25.43 -14.90 -6.22
N GLU D 12 26.34 -13.94 -6.15
CA GLU D 12 27.72 -14.16 -6.57
C GLU D 12 28.48 -14.93 -5.49
N VAL D 13 29.16 -16.01 -5.91
CA VAL D 13 29.94 -16.82 -4.98
C VAL D 13 31.37 -16.98 -5.51
#